data_7ARV
#
_entry.id   7ARV
#
_cell.length_a   1.00
_cell.length_b   1.00
_cell.length_c   1.00
_cell.angle_alpha   90.00
_cell.angle_beta   90.00
_cell.angle_gamma   90.00
#
_symmetry.space_group_name_H-M   'P 1'
#
loop_
_entity.id
_entity.type
_entity.pdbx_description
1 polymer 'SCAFFOLD STRAND'
2 polymer 'STAPLE STRAND'
3 polymer 'STAPLE STRAND'
4 polymer 'STAPLE STRAND'
5 polymer 'STAPLE STRAND'
6 polymer 'STAPLE STRAND'
7 polymer 'STAPLE STRAND'
8 polymer 'STAPLE STRAND'
9 polymer 'STAPLE STRAND'
10 polymer 'STAPLE STRAND'
11 polymer 'STAPLE STRAND'
12 polymer 'STAPLE STRAND'
13 polymer 'STAPLE STRAND'
14 polymer 'STAPLE STRAND'
15 polymer 'STAPLE STRAND'
16 polymer 'STAPLE STRAND'
17 polymer 'STAPLE STRAND'
18 polymer 'STAPLE STRAND'
19 polymer 'STAPLE STRAND'
20 polymer 'STAPLE STRAND'
21 polymer 'STAPLE STRAND'
22 polymer 'STAPLE STRAND'
23 polymer 'STAPLE STRAND'
24 polymer 'STAPLE STRAND'
25 polymer 'STAPLE STRAND'
26 polymer 'STAPLE STRAND'
27 polymer 'STAPLE STRAND'
28 polymer 'STAPLE STRAND'
29 polymer 'STAPLE STRAND'
30 polymer 'STAPLE STRAND'
31 polymer 'STAPLE STRAND'
32 polymer 'STAPLE STRAND'
33 polymer 'STAPLE STRAND'
34 polymer 'STAPLE STRAND'
35 polymer 'STAPLE STRAND'
36 polymer 'STAPLE STRAND'
37 polymer 'STAPLE STRAND'
38 polymer 'STAPLE STRAND'
39 polymer 'STAPLE STRAND'
40 polymer 'STAPLE STRAND'
41 polymer 'STAPLE STRAND'
42 polymer 'STAPLE STRAND'
43 polymer 'STAPLE STRAND'
44 polymer 'STAPLE STRAND'
45 polymer 'STAPLE STRAND'
46 polymer 'STAPLE STRAND'
47 polymer 'STAPLE STRAND'
48 polymer 'STAPLE STRAND'
49 polymer 'STAPLE STRAND'
50 polymer 'STAPLE STRAND'
51 polymer 'STAPLE STRAND'
52 polymer 'STAPLE STRAND'
53 polymer 'STAPLE STRAND'
54 polymer 'STAPLE STRAND'
55 polymer 'STAPLE STRAND'
56 polymer 'STAPLE STRAND'
57 polymer 'STAPLE STRAND'
58 polymer 'STAPLE STRAND'
59 polymer 'STAPLE STRAND'
60 polymer 'STAPLE STRAND'
61 polymer 'STAPLE STRAND'
62 polymer 'STAPLE STRAND'
63 polymer 'STAPLE STRAND'
64 polymer 'STAPLE STRAND'
65 polymer 'STAPLE STRAND'
66 polymer 'STAPLE STRAND'
67 polymer 'STAPLE STRAND'
68 polymer 'STAPLE STRAND'
69 polymer 'STAPLE STRAND'
70 polymer 'STAPLE STRAND'
71 polymer 'STAPLE STRAND'
72 polymer 'STAPLE STRAND'
73 polymer 'STAPLE STRAND'
74 polymer 'STAPLE STRAND'
75 polymer 'STAPLE STRAND'
76 polymer 'STAPLE STRAND'
77 polymer 'STAPLE STRAND'
78 polymer 'STAPLE STRAND'
79 polymer 'STAPLE STRAND'
80 polymer 'STAPLE STRAND'
81 polymer 'STAPLE STRAND'
82 polymer 'STAPLE STRAND'
83 polymer 'STAPLE STRAND'
84 polymer 'STAPLE STRAND'
85 polymer 'STAPLE STRAND'
86 polymer 'STAPLE STRAND'
87 polymer 'STAPLE STRAND'
88 polymer 'STAPLE STRAND'
89 polymer 'STAPLE STRAND'
90 polymer 'STAPLE STRAND'
91 polymer 'STAPLE STRAND'
92 polymer 'STAPLE STRAND'
93 polymer 'STAPLE STRAND'
94 polymer 'STAPLE STRAND'
95 polymer 'STAPLE STRAND'
96 polymer 'STAPLE STRAND'
97 polymer 'STAPLE STRAND'
98 polymer 'STAPLE STRAND'
99 polymer 'STAPLE STRAND'
100 polymer 'STAPLE STRAND'
101 polymer 'STAPLE STRAND'
102 polymer 'STAPLE STRAND'
103 polymer 'STAPLE STRAND'
104 polymer 'STAPLE STRAND'
105 polymer 'STAPLE STRAND'
106 polymer 'STAPLE STRAND'
107 polymer 'STAPLE STRAND'
108 polymer 'STAPLE STRAND'
109 polymer 'STAPLE STRAND'
110 polymer 'STAPLE STRAND'
111 polymer 'STAPLE STRAND'
112 polymer 'STAPLE STRAND'
113 polymer 'STAPLE STRAND'
114 polymer 'STAPLE STRAND'
115 polymer 'STAPLE STRAND'
116 polymer 'STAPLE STRAND'
117 polymer 'STAPLE STRAND'
118 polymer 'STAPLE STRAND'
119 polymer 'STAPLE STRAND'
120 polymer 'STAPLE STRAND'
121 polymer 'STAPLE STRAND'
122 polymer 'STAPLE STRAND'
123 polymer 'STAPLE STRAND'
124 polymer 'STAPLE STRAND'
125 polymer 'STAPLE STRAND'
126 polymer 'STAPLE STRAND'
127 polymer 'STAPLE STRAND'
128 polymer 'STAPLE STRAND'
129 polymer 'STAPLE STRAND'
130 polymer 'STAPLE STRAND'
131 polymer 'STAPLE STRAND'
132 polymer 'STAPLE STRAND'
133 polymer 'STAPLE STRAND'
134 polymer 'STAPLE STRAND'
135 polymer 'STAPLE STRAND'
136 polymer 'STAPLE STRAND'
137 polymer 'STAPLE STRAND'
138 polymer 'STAPLE STRAND'
139 polymer 'STAPLE STRAND'
140 polymer 'STAPLE STRAND'
141 polymer 'STAPLE STRAND'
142 polymer 'STAPLE STRAND'
143 polymer 'STAPLE STRAND'
144 polymer 'STAPLE STRAND'
145 polymer 'STAPLE STRAND'
146 polymer 'STAPLE STRAND'
147 polymer 'STAPLE STRAND'
148 polymer 'STAPLE STRAND'
149 polymer 'STAPLE STRAND'
150 polymer 'STAPLE STRAND'
151 polymer 'STAPLE STRAND'
152 polymer 'STAPLE STRAND'
153 polymer 'STAPLE STRAND'
154 polymer 'STAPLE STRAND'
155 polymer 'STAPLE STRAND'
156 polymer 'STAPLE STRAND'
157 polymer 'STAPLE STRAND'
158 polymer 'STAPLE STRAND'
159 polymer 'STAPLE STRAND'
160 polymer 'STAPLE STRAND'
161 polymer 'STAPLE STRAND'
162 polymer 'STAPLE STRAND'
163 polymer 'STAPLE STRAND'
164 polymer 'STAPLE STRAND'
165 polymer 'STAPLE STRAND'
166 polymer 'STAPLE STRAND'
167 polymer 'STAPLE STRAND'
168 polymer 'STAPLE STRAND'
169 polymer 'STAPLE STRAND'
170 polymer 'STAPLE STRAND'
171 polymer 'STAPLE STRAND'
172 polymer 'STAPLE STRAND'
173 polymer 'STAPLE STRAND'
174 polymer 'STAPLE STRAND'
175 polymer 'STAPLE STRAND'
176 polymer 'STAPLE STRAND'
177 polymer 'STAPLE STRAND'
178 polymer 'STAPLE STRAND'
179 polymer 'STAPLE STRAND'
180 polymer 'STAPLE STRAND'
181 polymer 'STAPLE STRAND'
182 polymer 'STAPLE STRAND'
183 polymer 'STAPLE STRAND'
184 polymer 'STAPLE STRAND'
185 polymer 'STAPLE STRAND'
186 polymer 'STAPLE STRAND'
187 polymer 'STAPLE STRAND'
188 polymer 'STAPLE STRAND'
189 polymer 'STAPLE STRAND'
190 polymer 'STAPLE STRAND'
191 polymer 'STAPLE STRAND'
192 polymer 'STAPLE STRAND'
193 polymer 'STAPLE STRAND'
194 polymer 'STAPLE STRAND'
195 polymer 'STAPLE STRAND'
#
loop_
_entity_poly.entity_id
_entity_poly.type
_entity_poly.pdbx_seq_one_letter_code
_entity_poly.pdbx_strand_id
1 'polydeoxyribonucleotide'
;(DT)(DG)(DA)(DT)(DA)(DG)(DA)(DC)(DG)(DG)(DT)(DT)(DT)(DT)(DT)(DC)(DG)(DC)(DC)(DC)
(DT)(DT)(DT)(DG)(DA)(DC)(DG)(DT)(DT)(DG)(DG)(DA)(DG)(DT)(DC)(DC)(DA)(DC)(DG)(DT)
(DT)(DC)(DT)(DT)(DT)(DA)(DA)(DT)(DA)(DG)(DT)(DG)(DG)(DA)(DC)(DT)(DC)(DT)(DT)(DG)
(DT)(DT)(DC)(DC)(DA)(DA)(DA)(DC)(DT)(DG)(DG)(DA)(DA)(DC)(DA)(DA)(DC)(DA)(DC)(DT)
(DC)(DA)(DA)(DC)(DC)(DC)(DT)(DA)(DT)(DC)(DT)(DC)(DG)(DG)(DG)(DC)(DT)(DA)(DT)(DT)
(DC)(DT)(DT)(DT)(DT)(DG)(DA)(DT)(DT)(DT)(DA)(DT)(DA)(DA)(DG)(DG)(DG)(DA)(DT)(DT)
(DT)(DT)(DG)(DC)(DC)(DG)(DA)(DT)(DT)(DT)(DC)(DG)(DG)(DA)(DA)(DC)(DC)(DA)(DC)(DC)
(DA)(DT)(DC)(DA)(DA)(DA)(DC)(DA)(DG)(DG)(DA)(DT)(DT)(DT)(DT)(DC)(DG)(DC)(DC)(DT)
(DG)(DC)(DT)(DG)(DG)(DG)(DG)(DC)(DA)(DA)(DA)(DC)(DC)(DA)(DG)(DC)(DG)(DT)(DG)(DG)
(DA)(DC)(DC)(DG)(DC)(DT)(DT)(DG)(DC)(DT)(DG)(DC)(DA)(DA)(DC)(DT)(DC)(DT)(DC)(DT)
(DC)(DA)(DG)(DG)(DG)(DC)(DC)(DA)(DG)(DG)(DC)(DG)(DG)(DT)(DG)(DA)(DA)(DG)(DG)(DG)
(DC)(DA)(DA)(DT)(DC)(DA)(DG)(DC)(DT)(DG)(DT)(DT)(DG)(DC)(DC)(DC)(DG)(DT)(DC)(DT)
(DC)(DA)(DC)(DT)(DG)(DG)(DT)(DG)(DA)(DA)(DA)(DA)(DG)(DA)(DA)(DA)(DA)(DA)(DC)(DC)
(DA)(DC)(DC)(DC)(DT)(DG)(DG)(DC)(DG)(DC)(DC)(DC)(DA)(DA)(DT)(DA)(DC)(DG)(DC)(DA)
(DA)(DA)(DC)(DC)(DG)(DC)(DC)(DT)(DC)(DT)(DC)(DC)(DC)(DC)(DG)(DC)(DG)(DC)(DG)(DT)
(DT)(DG)(DG)(DC)(DC)(DG)(DA)(DT)(DT)(DC)(DA)(DT)(DT)(DA)(DA)(DT)(DG)(DC)(DA)(DG)
(DC)(DT)(DG)(DG)(DC)(DA)(DC)(DG)(DA)(DC)(DA)(DG)(DG)(DT)(DT)(DT)(DC)(DC)(DC)(DG)
(DA)(DC)(DT)(DG)(DG)(DA)(DA)(DA)(DG)(DC)(DG)(DG)(DG)(DC)(DA)(DG)(DT)(DG)(DA)(DG)
(DC)(DG)(DC)(DA)(DA)(DC)(DG)(DC)(DA)(DA)(DT)(DT)(DA)(DA)(DT)(DG)(DT)(DG)(DA)(DG)
(DT)(DT)(DA)(DG)(DC)(DT)(DC)(DA)(DC)(DT)(DC)(DA)(DT)(DT)(DA)(DG)(DG)(DC)(DA)(DC)
(DC)(DC)(DC)(DA)(DG)(DG)(DC)(DT)(DT)(DT)(DA)(DC)(DA)(DC)(DT)(DT)(DT)(DA)(DT)(DG)
(DC)(DT)(DT)(DC)(DC)(DG)(DG)(DC)(DT)(DC)(DG)(DT)(DA)(DT)(DG)(DT)(DT)(DG)(DT)(DG)
(DT)(DG)(DG)(DA)(DA)(DT)(DT)(DG)(DT)(DG)(DA)(DG)(DC)(DG)(DG)(DA)(DT)(DA)(DA)(DC)
(DA)(DA)(DT)(DT)(DT)(DC)(DA)(DC)(DA)(DC)(DA)(DG)(DG)(DA)(DA)(DA)(DC)(DA)(DG)(DC)
(DT)(DA)(DT)(DG)(DA)(DC)(DC)(DA)(DT)(DG)(DA)(DT)(DT)(DA)(DC)(DG)(DA)(DA)(DT)(DT)
(DC)(DG)(DA)(DG)(DC)(DT)(DC)(DG)(DG)(DT)(DA)(DC)(DC)(DC)(DG)(DG)(DG)(DG)(DA)(DT)
(DC)(DC)(DT)(DC)(DA)(DA)(DC)(DT)(DG)(DT)(DG)(DA)(DG)(DG)(DA)(DG)(DG)(DC)(DT)(DC)
(DA)(DC)(DG)(DG)(DA)(DC)(DG)(DC)(DG)(DA)(DA)(DG)(DA)(DA)(DC)(DA)(DG)(DG)(DC)(DA)
(DC)(DG)(DC)(DG)(DT)(DG)(DC)(DT)(DG)(DG)(DC)(DA)(DG)(DA)(DA)(DA)(DC)(DC)(DC)(DC)
(DC)(DG)(DG)(DT)(DA)(DT)(DG)(DA)(DC)(DC)(DG)(DT)(DG)(DA)(DA)(DA)(DA)(DC)(DG)(DG)
(DC)(DC)(DC)(DG)(DC)(DC)(DG)(DC)(DA)(DT)(DT)(DC)(DT)(DG)(DG)(DC)(DC)(DG)(DC)(DA)
(DG)(DC)(DA)(DC)(DC)(DA)(DC)(DA)(DG)(DA)(DG)(DT)(DG)(DC)(DA)(DC)(DA)(DG)(DG)(DC)
(DG)(DC)(DG)(DC)(DA)(DG)(DT)(DG)(DA)(DC)(DA)(DC)(DT)(DG)(DC)(DG)(DC)(DT)(DG)(DG)
(DA)(DT)(DC)(DG)(DT)(DC)(DT)(DG)(DA)(DT)(DG)(DC)(DA)(DG)(DG)(DG)(DG)(DG)(DC)(DA)
(DC)(DC)(DG)(DG)(DC)(DA)(DC)(DC)(DG)(DC)(DT)(DG)(DG)(DC)(DT)(DG)(DC)(DA)(DG)(DG)
(DT)(DA)(DA)(DC)(DC)(DC)(DG)(DG)(DC)(DA)(DT)(DC)(DT)(DG)(DA)(DT)(DG)(DC)(DC)(DG)
(DT)(DT)(DA)(DA)(DC)(DG)(DA)(DT)(DT)(DT)(DG)(DC)(DT)(DG)(DA)(DA)(DC)(DA)(DC)(DA)
(DC)(DC)(DA)(DG)(DT)(DG)(DT)(DA)(DA)(DG)(DG)(DG)(DA)(DT)(DG)(DT)(DT)(DT)(DA)(DT)
(DG)(DA)(DC)(DG)(DA)(DG)(DC)(DA)(DA)(DA)(DG)(DA)(DA)(DA)(DC)(DC)(DT)(DT)(DT)(DA)
(DC)(DC)(DC)(DA)(DT)(DT)(DA)(DC)(DC)(DA)(DG)(DC)(DC)(DG)(DC)(DA)(DG)(DG)(DG)(DC)
(DA)(DA)(DC)(DA)(DG)(DT)(DG)(DA)(DC)(DC)(DC)(DG)(DG)(DC)(DT)(DC)(DA)(DT)(DA)(DC)
(DC)(DG)(DC)(DA)(DA)(DC)(DC)(DG)(DC)(DG)(DC)(DC)(DC)(DG)(DG)(DC)(DG)(DG)(DA)(DT)
(DT)(DG)(DA)(DG)(DT)(DG)(DC)(DG)(DA)(DA)(DA)(DG)(DC)(DG)(DC)(DC)(DT)(DG)(DC)(DA)
(DA)(DT)(DG)(DA)(DC)(DC)(DC)(DC)(DG)(DC)(DT)(DG)(DA)(DT)(DG)(DC)(DT)(DG)(DG)(DA)
(DC)(DA)(DC)(DC)(DT)(DC)(DC)(DA)(DG)(DC)(DC)(DG)(DT)(DA)(DA)(DG)(DC)(DT)(DG)(DG)
(DT)(DT)(DG)(DC)(DG)(DT)(DG)(DG)(DG)(DA)(DT)(DG)(DG)(DC)(DA)(DC)(DC)(DA)(DC)(DC)
(DG)(DA)(DC)(DG)(DG)(DT)(DG)(DC)(DT)(DG)(DC)(DC)(DG)(DT)(DT)(DG)(DG)(DC)(DA)(DT)
(DT)(DC)(DT)(DT)(DG)(DC)(DG)(DG)(DT)(DT)(DG)(DC)(DT)(DG)(DC)(DT)(DG)(DA)(DC)(DC)
(DA)(DG)(DA)(DC)(DC)(DA)(DG)(DC)(DA)(DC)(DC)(DA)(DC)(DG)(DC)(DT)(DG)(DA)(DC)(DG)
(DT)(DT)(DC)(DT)(DA)(DC)(DA)(DA)(DG)(DT)(DC)(DC)(DG)(DG)(DC)(DA)(DC)(DG)(DT)(DT)
(DC)(DC)(DG)(DT)(DT)(DA)(DT)(DG)(DA)(DG)(DG)(DA)(DT)(DG)(DT)(DG)(DC)(DT)(DC)(DT)
(DG)(DG)(DC)(DC)(DG)(DG)(DA)(DG)(DG)(DC)(DT)(DG)(DC)(DC)(DA)(DG)(DC)(DG)(DA)(DC)
(DG)(DA)(DG)(DA)(DC)(DG)(DA)(DA)(DA)(DA)(DA)(DA)(DC)(DG)(DG)(DA)(DC)(DC)(DG)(DC)
(DG)(DT)(DT)(DT)(DG)(DC)(DC)(DG)(DG)(DA)(DA)(DC)(DG)(DG)(DC)(DA)(DA)(DT)(DC)(DA)
(DG)(DC)(DA)(DT)(DC)(DG)(DT)(DT)(DT)(DA)(DA)(DC)(DT)(DT)(DT)(DA)(DC)(DC)(DC)(DT)
(DT)(DC)(DA)(DT)(DC)(DA)(DC)(DT)(DA)(DA)(DA)(DG)(DG)(DC)(DC)(DG)(DC)(DC)(DT)(DG)
(DT)(DG)(DC)(DG)(DG)(DC)(DT)(DT)(DT)(DT)(DT)(DT)(DT)(DA)(DC)(DG)(DG)(DG)(DA)(DT)
(DT)(DT)(DT)(DT)(DT)(DT)(DA)(DT)(DG)(DT)(DC)(DG)(DA)(DT)(DG)(DT)(DA)(DC)(DA)(DC)
(DA)(DA)(DC)(DC)(DG)(DC)(DC)(DC)(DA)(DA)(DC)(DT)(DG)(DC)(DT)(DG)(DG)(DC)(DG)(DG)
(DC)(DA)(DA)(DA)(DT)(DG)(DA)(DG)(DC)(DA)(DG)(DA)(DA)(DA)(DT)(DT)(DT)(DA)(DA)(DG)
(DT)(DT)(DT)(DG)(DA)(DT)(DC)(DC)(DG)(DC)(DT)(DG)(DT)(DT)(DT)(DC)(DT)(DG)(DC)(DG)
(DT)(DC)(DT)(DC)(DT)(DT)(DT)(DT)(DT)(DC)(DC)(DG)(DT)(DG)(DA)(DG)(DA)(DG)(DC)(DT)
(DA)(DT)(DC)(DC)(DC)(DT)(DT)(DC)(DA)(DC)(DC)(DA)(DC)(DG)(DG)(DA)(DG)(DA)(DA)(DA)
(DG)(DT)(DC)(DT)(DA)(DT)(DC)(DT)(DC)(DT)(DC)(DA)(DC)(DA)(DA)(DA)(DT)(DT)(DC)(DC)
(DG)(DG)(DG)(DA)(DC)(DT)(DG)(DG)(DT)(DA)(DA)(DA)(DC)(DA)(DT)(DG)(DG)(DC)(DG)(DC)
(DT)(DG)(DT)(DA)(DC)(DG)(DT)(DT)(DT)(DC)(DG)(DC)(DC)(DG)(DA)(DT)(DT)(DG)(DT)(DT)
(DT)(DC)(DC)(DG)(DG)(DT)(DG)(DA)(DG)(DG)(DT)(DT)(DA)(DT)(DC)(DC)(DG)(DT)(DT)(DC)
(DC)(DC)(DG)(DT)(DG)(DG)(DC)(DG)(DG)(DC)(DT)(DC)(DC)(DA)(DC)(DC)(DT)(DC)(DT)(DG)
(DA)(DA)(DA)(DG)(DC)(DT)(DT)(DG)(DG)(DC)(DA)(DC)(DT)(DG)(DG)(DC)(DC)(DG)(DT)(DC)
(DG)(DT)(DT)(DT)(DT)(DA)(DC)(DA)(DA)(DC)(DG)(DT)(DC)(DG)(DT)(DG)(DA)(DC)(DT)(DG)
(DG)(DG)(DA)(DA)(DA)(DA)(DC)(DC)(DC)(DT)(DG)(DG)(DC)(DG)(DT)(DT)(DA)(DC)(DC)(DC)
(DA)(DA)(DC)(DT)(DT)(DA)(DA)(DT)(DC)(DG)(DC)(DC)(DT)(DT)(DG)(DC)(DA)(DG)(DC)(DA)
(DC)(DA)(DT)(DC)(DC)(DC)(DC)(DC)(DT)(DT)(DT)(DC)(DG)(DC)(DC)(DA)(DG)(DC)(DT)(DG)
(DG)(DC)(DG)(DT)(DA)(DA)(DT)(DA)(DG)(DC)(DG)(DA)(DA)(DG)(DA)(DG)(DG)(DC)(DC)(DC)
(DG)(DC)(DA)(DC)(DC)(DG)(DA)(DT)(DC)(DG)(DC)(DC)(DC)(DT)(DT)(DC)(DC)(DC)(DA)(DA)
(DC)(DA)(DG)(DT)(DT)(DG)(DC)(DG)(DC)(DA)(DG)(DC)(DC)(DT)(DG)(DA)(DA)(DT)(DG)(DG)
(DC)(DG)(DA)(DA)(DT)(DG)(DG)(DC)(DG)(DC)(DT)(DT)(DT)(DG)(DC)(DC)(DT)(DG)(DG)(DT)
(DT)(DT)(DC)(DC)(DG)(DG)(DC)(DA)(DC)(DC)(DA)(DG)(DA)(DA)(DG)(DC)(DG)(DG)(DT)(DG)
(DC)(DC)(DG)(DG)(DA)(DA)(DA)(DG)(DC)(DT)(DG)(DG)(DC)(DT)(DG)(DG)(DA)(DG)(DT)(DG)
(DC)(DG)(DA)(DT)(DC)(DT)(DT)(DC)(DC)(DT)(DG)(DA)(DG)(DG)(DC)(DC)(DG)(DA)(DT)(DA)
(DC)(DT)(DG)(DT)(DC)(DG)(DT)(DC)(DG)(DT)(DC)(DC)(DC)(DC)(DT)(DC)(DA)(DA)(DA)(DC)
(DT)(DG)(DG)(DC)(DA)(DG)(DA)(DT)(DG)(DC)(DA)(DC)(DG)(DG)(DT)(DT)(DA)(DC)(DG)(DA)
(DT)(DG)(DC)(DG)(DC)(DC)(DC)(DA)(DT)(DC)(DT)(DA)(DC)(DA)(DC)(DC)(DA)(DA)(DC)(DG)
(DT)(DG)(DA)(DC)(DC)(DT)(DA)(DT)(DC)(DC)(DC)(DA)(DT)(DT)(DA)(DC)(DG)(DG)(DT)(DC)
(DA)(DA)(DT)(DC)(DC)(DG)(DC)(DC)(DG)(DT)(DT)(DT)(DG)(DT)(DT)(DC)(DC)(DC)(DA)(DC)
(DG)(DG)(DA)(DG)(DA)(DA)(DT)(DC)(DC)(DG)(DA)(DC)(DG)(DG)(DG)(DT)(DT)(DG)(DT)(DT)
(DA)(DC)(DT)(DC)(DG)(DC)(DT)(DC)(DA)(DC)(DA)(DT)(DT)(DT)(DA)(DA)(DT)(DG)(DT)(DT)
(DG)(DA)(DT)(DG)(DA)(DA)(DA)(DG)(DC)(DT)(DG)(DG)(DC)(DT)(DA)(DC)(DA)(DG)(DG)(DA)
(DA)(DG)(DG)(DC)(DC)(DA)(DG)(DA)(DC)(DG)(DC)(DG)(DA)(DA)(DT)(DT)(DA)(DT)(DT)(DT)
(DT)(DT)(DG)(DA)(DT)(DG)(DG)(DC)(DG)(DT)(DT)(DC)(DC)(DT)(DA)(DT)(DT)(DG)(DG)(DT)
(DT)(DA)(DA)(DA)(DA)(DA)(DA)(DT)(DG)(DA)(DG)(DC)(DT)(DG)(DA)(DT)(DT)(DT)(DA)(DA)
(DC)(DA)(DA)(DA)(DA)(DA)(DT)(DT)(DT)(DA)(DA)(DT)(DG)(DC)(DG)(DA)(DA)(DT)(DT)(DT)
(DT)(DA)(DA)(DC)(DA)(DA)(DA)(DA)(DT)(DA)(DT)(DT)(DA)(DA)(DC)(DG)(DT)(DT)(DT)(DA)
(DC)(DA)(DA)(DT)(DT)(DT)(DA)(DA)(DA)(DT)(DA)(DT)(DT)(DT)(DG)(DC)(DT)(DT)(DA)(DT)
(DA)(DC)(DA)(DA)(DT)(DC)(DT)(DT)(DC)(DC)(DT)(DG)(DT)(DT)(DT)(DT)(DT)(DG)(DG)(DG)
(DG)(DC)(DT)(DT)(DT)(DT)(DC)(DT)(DG)(DA)(DT)(DT)(DA)(DT)(DC)(DA)(DA)(DC)(DC)(DG)
(DG)(DG)(DG)(DT)(DA)(DC)(DA)(DT)(DA)(DT)(DG)(DA)(DT)(DT)(DG)(DA)(DC)(DA)(DT)(DG)
(DC)(DT)(DA)(DG)(DT)(DT)(DT)(DT)(DA)(DC)(DG)(DA)(DT)(DT)(DA)(DC)(DC)(DG)(DT)(DT)
(DC)(DA)(DT)(DC)(DG)(DA)(DT)(DT)(DC)(DT)(DC)(DT)(DT)(DG)(DT)(DT)(DT)(DG)(DC)(DT)
(DC)(DC)(DA)(DG)(DA)(DC)(DT)(DC)(DT)(DC)(DA)(DG)(DG)(DC)(DA)(DA)(DT)(DG)(DA)(DC)
(DC)(DT)(DG)(DA)(DT)(DA)(DG)(DC)(DC)(DT)(DT)(DT)(DG)(DT)(DA)(DG)(DA)(DT)(DC)(DT)
(DC)(DT)(DC)(DA)(DA)(DA)(DA)(DA)(DT)(DA)(DG)(DC)(DT)(DA)(DC)(DC)(DC)(DT)(DC)(DT)
(DC)(DC)(DG)(DG)(DC)(DA)(DT)(DT)(DA)(DA)(DT)(DT)(DT)(DA)(DT)(DC)(DA)(DG)(DC)(DT)
(DA)(DG)(DA)(DA)(DC)(DG)(DG)(DT)(DT)(DG)(DA)(DA)(DT)(DA)(DT)(DC)(DA)(DT)(DA)(DT)
(DT)(DG)(DA)(DT)(DG)(DG)(DT)(DG)(DA)(DT)(DT)(DT)(DG)(DA)(DC)(DT)(DG)(DT)(DC)(DT)
(DC)(DC)(DG)(DG)(DC)(DC)(DT)(DT)(DT)(DC)(DT)(DC)(DA)(DC)(DC)(DC)(DT)(DT)(DT)(DT)
(DG)(DA)(DA)(DT)(DC)(DT)(DT)(DT)(DA)(DC)(DC)(DT)(DA)(DC)(DA)(DC)(DA)(DT)(DT)(DA)
(DC)(DT)(DC)(DA)(DG)(DG)(DC)(DA)(DT)(DT)(DG)(DC)(DA)(DT)(DT)(DT)(DA)(DA)(DA)(DA)
(DT)(DA)(DT)(DA)(DT)(DG)(DA)(DG)(DG)(DG)(DT)(DT)(DC)(DT)(DA)(DA)(DA)(DA)(DA)(DT)
(DT)(DT)(DT)(DT)(DA)(DT)(DC)(DC)(DT)(DT)(DG)(DC)(DG)(DT)(DT)(DG)(DA)(DA)(DA)(DT)
(DA)(DA)(DA)(DG)(DG)(DC)(DT)(DT)(DC)(DT)(DC)(DC)(DC)(DG)(DC)(DA)(DA)(DA)(DA)(DG)
(DT)(DA)(DT)(DT)(DA)(DC)(DA)(DG)(DG)(DG)(DT)(DC)(DA)(DT)(DA)(DA)(DT)(DG)(DT)(DT)
(DT)(DT)(DT)(DG)(DG)(DT)(DA)(DC)(DA)(DA)(DC)(DC)(DG)(DA)(DT)(DT)(DT)(DA)(DG)(DC)
(DT)(DT)(DT)(DA)(DT)(DG)(DC)(DT)(DC)(DT)(DG)(DA)(DG)(DG)(DC)(DT)(DT)(DT)(DA)(DT)
(DT)(DG)(DC)(DT)(DT)(DA)(DA)(DT)(DT)(DT)(DT)(DG)(DC)(DT)(DA)(DA)(DT)(DT)(DC)(DT)
(DT)(DT)(DG)(DC)(DC)(DT)(DT)(DG)(DC)(DC)(DT)(DG)(DT)(DA)(DT)(DG)(DA)(DT)(DT)(DT)
(DA)(DT)(DT)(DG)(DG)(DA)(DT)(DG)(DT)(DT)(DA)(DA)(DT)(DG)(DC)(DT)(DA)(DC)(DT)(DA)
(DC)(DT)(DA)(DT)(DT)(DA)(DG)(DT)(DA)(DG)(DA)(DA)(DT)(DT)(DG)(DA)(DT)(DG)(DC)(DC)
(DA)(DC)(DC)(DT)(DT)(DT)(DT)(DC)(DA)(DG)(DC)(DT)(DC)(DG)(DC)(DG)(DC)(DC)(DC)(DC)
(DA)(DA)(DA)(DT)(DG)(DA)(DA)(DA)(DA)(DT)(DA)(DT)(DA)(DG)(DC)(DT)(DA)(DA)(DA)(DC)
(DA)(DG)(DG)(DT)(DT)(DA)(DT)(DT)(DG)(DA)(DC)(DC)(DA)(DT)(DT)(DT)(DG)(DC)(DG)(DA)
(DA)(DA)(DT)(DG)(DT)(DA)(DT)(DC)(DT)(DA)(DA)(DT)(DG)(DG)(DT)(DC)(DA)(DA)(DA)(DC)
(DT)(DA)(DA)(DA)(DT)(DC)(DT)(DA)(DC)(DT)(DC)(DG)(DT)(DT)(DC)(DG)(DC)(DA)(DG)(DA)
(DA)(DT)(DT)(DG)(DG)(DG)(DA)(DA)(DT)(DC)(DA)(DA)(DC)(DT)(DG)(DT)(DT)(DA)(DT)(DA)
(DT)(DG)(DG)(DA)(DA)(DT)(DG)(DA)(DA)(DA)(DC)(DT)(DT)(DC)(DC)(DA)(DG)(DA)(DC)(DA)
(DC)(DC)(DG)(DT)(DA)(DC)(DT)(DT)(DT)(DA)(DG)(DT)(DT)(DG)(DC)(DA)(DT)(DA)(DT)(DT)
(DT)(DA)(DA)(DA)(DA)(DC)(DA)(DT)(DG)(DT)(DT)(DG)(DA)(DG)(DC)(DT)(DA)(DC)(DA)(DG)
(DC)(DA)(DT)(DT)(DA)(DT)(DA)(DT)(DT)(DC)(DA)(DG)(DC)(DA)(DA)(DT)(DT)(DA)(DA)(DG)
(DC)(DT)(DC)(DT)(DA)(DA)(DG)(DC)(DC)(DA)(DT)(DC)(DC)(DG)(DC)(DA)(DA)(DA)(DA)(DA)
(DT)(DG)(DA)(DC)(DC)(DT)(DC)(DT)(DT)(DA)(DT)(DC)(DA)(DA)(DA)(DA)(DG)(DG)(DA)(DG)
(DC)(DA)(DA)(DT)(DT)(DA)(DA)(DA)(DG)(DG)(DT)(DA)(DC)(DT)(DC)(DT)(DC)(DT)(DA)(DA)
(DT)(DC)(DC)(DT)(DG)(DA)(DC)(DC)(DT)(DG)(DT)(DT)(DG)(DG)(DA)(DG)(DT)(DT)(DT)(DG)
(DC)(DT)(DT)(DC)(DC)(DG)(DG)(DT)(DC)(DT)(DG)(DG)(DT)(DT)(DC)(DG)(DC)(DT)(DT)(DT)
(DG)(DA)(DA)(DG)(DC)(DT)(DC)(DG)(DA)(DA)(DT)(DT)(DA)(DA)(DA)(DA)(DC)(DG)(DC)(DG)
(DA)(DT)(DA)(DT)(DT)(DT)(DG)(DA)(DA)(DG)(DT)(DC)(DT)(DT)(DT)(DC)(DG)(DG)(DG)(DC)
(DT)(DT)(DC)(DC)(DT)(DC)(DT)(DT)(DA)(DA)(DT)(DC)(DT)(DT)(DT)(DT)(DT)(DG)(DA)(DT)
(DG)(DC)(DA)(DA)(DT)(DC)(DC)(DG)(DC)(DT)(DT)(DT)(DG)(DC)(DT)(DT)(DC)(DT)(DG)(DA)
(DC)(DT)(DA)(DT)(DA)(DA)(DT)(DA)(DG)(DT)(DC)(DA)(DG)(DG)(DG)(DT)(DA)(DA)(DA)(DG)
(DA)(DC)(DC)(DT)(DG)(DA)(DT)(DT)(DT)(DT)(DT)(DG)(DA)(DT)(DT)(DT)(DA)(DT)(DG)(DG)
(DT)(DC)(DA)(DT)(DT)(DC)(DT)(DC)(DG)(DT)(DT)(DT)(DT)(DC)(DT)(DG)(DA)(DA)(DC)(DT)
(DG)(DT)(DT)(DT)(DA)(DA)(DA)(DG)(DC)(DA)(DT)(DT)(DT)(DG)(DA)(DG)(DG)(DG)(DG)(DG)
(DA)(DT)(DT)(DC)(DA)(DA)(DT)(DG)(DA)(DA)(DT)(DA)(DT)(DT)(DT)(DA)(DT)(DG)(DA)(DC)
(DG)(DA)(DT)(DT)(DC)(DC)(DG)(DC)(DA)(DG)(DT)(DA)(DT)(DT)(DG)(DG)(DA)(DC)(DG)(DC)
(DT)(DA)(DT)(DC)(DC)(DA)(DG)(DT)(DC)(DT)(DA)(DA)(DA)(DC)(DA)(DT)(DT)(DT)(DT)(DA)
(DC)(DT)(DA)(DT)(DT)(DA)(DC)(DC)(DC)(DC)(DC)(DT)(DC)(DT)(DG)(DG)(DC)(DA)(DA)(DA)
(DA)(DC)(DT)(DT)(DC)(DT)(DT)(DT)(DT)(DG)(DC)(DA)(DA)(DA)(DA)(DG)(DC)(DC)(DT)(DC)
(DT)(DC)(DG)(DC)(DT)(DA)(DT)(DT)(DT)(DT)(DG)(DG)(DT)(DT)(DT)(DT)(DT)(DA)(DT)(DC)
(DG)(DT)(DC)(DG)(DT)(DC)(DT)(DG)(DG)(DT)(DA)(DA)(DA)(DC)(DG)(DA)(DG)(DG)(DG)(DT)
(DT)(DA)(DT)(DG)(DA)(DT)(DA)(DG)(DT)(DG)(DT)(DT)(DG)(DC)(DT)(DC)(DT)(DT)(DA)(DC)
(DT)(DA)(DT)(DG)(DC)(DC)(DT)(DC)(DG)(DT)(DA)(DA)(DT)(DT)(DC)(DC)(DT)(DT)(DT)(DT)
(DG)(DG)(DC)(DG)(DT)(DT)(DA)(DT)(DG)(DT)(DA)(DT)(DC)(DT)(DG)(DC)(DA)(DT)(DT)(DA)
(DG)(DT)(DT)(DG)(DA)(DA)(DT)(DG)(DT)(DG)(DG)(DT)(DA)(DT)(DT)(DC)(DC)(DT)(DA)(DA)
(DA)(DT)(DC)(DT)(DC)(DA)(DA)(DC)(DT)(DG)(DA)(DT)(DG)(DA)(DA)(DT)(DC)(DT)(DT)(DT)
(DC)(DT)(DA)(DC)(DC)(DT)(DG)(DT)(DA)(DA)(DT)(DA)(DA)(DT)(DG)(DT)(DT)(DG)(DT)(DT)
(DC)(DC)(DG)(DT)(DT)(DA)(DG)(DT)(DT)(DC)(DG)(DT)(DT)(DT)(DT)(DA)(DT)(DT)(DA)(DA)
(DC)(DG)(DT)(DA)(DG)(DA)(DT)(DT)(DT)(DT)(DT)(DC)(DT)(DT)(DC)(DC)(DC)(DA)(DA)(DC)
(DG)(DT)(DC)(DC)(DT)(DG)(DA)(DC)(DT)(DG)(DG)(DT)(DA)(DT)(DA)(DA)(DT)(DG)(DA)(DG)
(DC)(DC)(DA)(DG)(DT)(DT)(DC)(DT)(DT)(DA)(DA)(DA)(DA)(DT)(DC)(DG)(DC)(DA)(DT)(DA)
(DA)(DG)(DG)(DT)(DA)(DA)(DT)(DT)(DC)(DA)(DC)(DA)(DA)(DT)(DG)(DA)(DT)(DT)(DA)(DA)
(DA)(DG)(DT)(DT)(DG)(DA)(DA)(DA)(DT)(DT)(DA)(DA)(DA)(DC)(DC)(DA)(DT)(DC)(DT)(DC)
(DA)(DA)(DG)(DC)(DC)(DC)(DA)(DA)(DT)(DT)(DT)(DA)(DC)(DT)(DA)(DC)(DT)(DC)(DG)(DT)
(DT)(DC)(DT)(DG)(DG)(DT)(DG)(DT)(DT)(DT)(DC)(DT)(DC)(DG)(DT)(DC)(DA)(DG)(DG)(DG)
(DC)(DA)(DA)(DG)(DC)(DC)(DT)(DT)(DA)(DT)(DT)(DC)(DA)(DC)(DT)(DG)(DA)(DA)(DT)(DG)
(DA)(DG)(DC)(DA)(DG)(DC)(DT)(DT)(DT)(DG)(DT)(DT)(DA)(DC)(DG)(DT)(DT)(DG)(DA)(DT)
(DT)(DT)(DG)(DG)(DG)(DT)(DA)(DA)(DT)(DG)(DA)(DA)(DT)(DA)(DT)(DC)(DC)(DG)(DG)(DT)
(DT)(DC)(DT)(DT)(DG)(DT)(DC)(DA)(DA)(DG)(DA)(DT)(DT)(DA)(DC)(DT)(DC)(DT)(DT)(DG)
(DA)(DT)(DG)(DA)(DA)(DG)(DG)(DT)(DC)(DA)(DG)(DC)(DC)(DA)(DG)(DC)(DC)(DT)(DA)(DT)
(DG)(DC)(DG)(DC)(DC)(DT)(DG)(DG)(DT)(DC)(DT)(DG)(DT)(DA)(DC)(DA)(DC)(DC)(DG)(DT)
(DT)(DC)(DA)(DT)(DC)(DT)(DG)(DT)(DC)(DC)(DT)(DC)(DT)(DT)(DT)(DC)(DA)(DA)(DA)(DG)
(DT)(DT)(DG)(DG)(DT)(DC)(DA)(DG)(DT)(DT)(DC)(DG)(DG)(DT)(DT)(DC)(DC)(DC)(DT)(DT)
(DA)(DT)(DG)(DA)(DT)(DT)(DG)(DA)(DC)(DC)(DG)(DT)(DC)(DT)(DG)(DC)(DG)(DC)(DC)(DT)
(DC)(DG)(DT)(DT)(DC)(DC)(DG)(DG)(DC)(DT)(DA)(DA)(DG)(DT)(DA)(DA)(DC)(DA)(DT)(DG)
(DG)(DA)(DG)(DC)(DA)(DG)(DG)(DT)(DC)(DG)(DC)(DG)(DG)(DA)(DT)(DT)(DT)(DC)(DG)(DA)
(DC)(DA)(DC)(DA)(DA)(DT)(DT)(DT)(DA)(DT)(DC)(DA)(DG)(DG)(DC)(DG)(DA)(DT)(DG)(DA)
(DT)(DA)(DC)(DA)(DA)(DA)(DT)(DC)(DT)(DC)(DC)(DG)(DT)(DT)(DG)(DT)(DA)(DC)(DT)(DT)
(DT)(DG)(DT)(DT)(DT)(DC)(DG)(DC)(DG)(DC)(DT)(DT)(DG)(DG)(DT)(DA)(DT)(DA)(DA)(DT)
(DC)(DG)(DC)(DT)(DG)(DG)(DG)(DG)(DG)(DT)(DC)(DA)(DA)(DA)(DG)(DA)(DT)(DG)(DA)(DG)
(DT)(DG)(DT)(DT)(DT)(DT)(DA)(DG)(DT)(DG)(DT)(DA)(DT)(DT)(DC)(DT)(DT)(DT)(DT)(DG)
(DC)(DC)(DT)(DC)(DT)(DT)(DT)(DC)(DG)(DT)(DT)(DT)(DT)(DA)(DG)(DG)(DT)(DT)(DG)(DG)
(DT)(DG)(DC)(DC)(DT)(DT)(DC)(DG)(DT)(DA)(DG)(DT)(DG)(DG)(DC)(DA)(DT)(DT)(DA)(DC)
(DG)(DT)(DA)(DT)(DT)(DT)(DT)(DA)(DC)(DC)(DC)(DG)(DT)(DT)(DT)(DA)(DA)(DT)(DG)(DG)
(DA)(DA)(DA)(DC)(DT)(DT)(DC)(DC)(DT)(DC)(DA)(DT)(DG)(DA)(DA)(DA)(DA)(DA)(DG)(DT)
(DC)(DT)(DT)(DT)(DA)(DG)(DT)(DC)(DC)(DT)(DC)(DA)(DA)(DA)(DG)(DC)(DC)(DT)(DC)(DT)
(DG)(DT)(DA)(DG)(DC)(DC)(DG)(DT)(DT)(DG)(DC)(DT)(DA)(DC)(DC)(DC)(DT)(DC)(DG)(DT)
(DT)(DC)(DC)(DG)(DA)(DT)(DG)(DC)(DT)(DG)(DT)(DC)(DT)(DT)(DT)(DC)(DG)(DC)(DT)(DG)
(DC)(DT)(DG)(DA)(DG)(DG)(DG)(DT)(DG)(DA)(DC)(DG)(DA)(DT)(DC)(DC)(DC)(DG)(DC)(DA)
(DA)(DA)(DA)(DG)(DC)(DG)(DG)(DC)(DC)(DT)(DT)(DT)(DA)(DA)(DC)(DT)(DC)(DC)(DC)(DT)
(DG)(DC)(DA)(DA)(DG)(DC)(DC)(DT)(DC)(DA)(DG)(DC)(DG)(DA)(DC)(DC)(DG)(DA)(DA)(DT)
(DA)(DT)(DA)(DT)(DC)(DG)(DG)(DT)(DT)(DA)(DT)(DG)(DC)(DG)(DT)(DG)(DG)(DG)(DC)(DG)
(DA)(DT)(DG)(DG)(DT)(DT)(DG)(DT)(DT)(DG)(DT)(DC)(DA)(DT)(DT)(DG)(DT)(DC)(DG)(DG)
(DC)(DG)(DC)(DA)(DA)(DC)(DT)(DA)(DT)(DC)(DG)(DG)(DT)(DA)(DT)(DC)(DA)(DA)(DG)(DC)
(DT)(DG)(DT)(DT)(DT)(DA)(DA)(DG)(DA)(DA)(DA)(DT)(DT)(DC)(DA)(DC)(DC)(DT)(DC)(DG)
(DA)(DA)(DA)(DG)(DC)(DA)(DA)(DG)(DC)(DT)(DG)(DA)(DT)(DA)(DA)(DA)(DC)(DC)(DG)(DA)
(DT)(DA)(DC)(DA)(DA)(DT)(DT)(DA)(DA)(DA)(DG)(DG)(DC)(DT)(DC)(DC)(DT)(DT)(DT)(DT)
(DG)(DG)(DA)(DG)(DC)(DC)(DT)(DT)(DT)(DT)(DT)(DT)(DT)(DT)(DG)(DG)(DA)(DG)(DA)(DT)
(DT)(DT)(DT)(DC)(DA)(DA)(DC)(DG)(DT)(DG)(DA)(DA)(DA)(DA)(DA)(DA)(DT)(DT)(DA)(DT)
(DT)(DA)(DT)(DT)(DC)(DG)(DC)(DA)(DA)(DT)(DT)(DC)(DC)(DT)(DT)(DT)(DA)(DG)(DT)(DT)
(DG)(DT)(DT)(DC)(DC)(DT)(DT)(DT)(DC)(DT)(DA)(DT)(DT)(DC)(DT)(DC)(DA)(DC)(DT)(DC)
(DC)(DG)(DC)(DT)(DG)(DA)(DA)(DA)(DC)(DT)(DG)(DT)(DT)(DG)(DA)(DA)(DA)(DG)(DT)(DT)
(DG)(DT)(DT)(DT)(DA)(DG)(DC)(DA)(DA)(DA)(DA)(DT)(DC)(DC)(DC)(DA)(DT)(DA)(DC)(DA)
(DG)(DA)(DA)(DA)(DA)(DT)(DT)(DC)(DA)(DT)(DT)(DT)(DA)(DC)(DT)(DA)(DA)(DC)(DG)(DT)
(DC)(DT)(DG)(DG)(DA)(DA)(DA)(DG)(DA)(DC)(DG)(DA)(DC)(DA)(DA)(DA)(DA)(DC)(DT)(DT)
(DT)(DA)(DG)(DA)(DT)(DC)(DG)(DT)(DT)(DA)(DC)(DG)(DC)(DT)(DA)(DA)(DC)(DT)(DA)(DT)
(DG)(DA)(DG)(DG)(DG)(DC)(DT)(DG)(DT)(DC)(DT)(DG)(DT)(DG)(DG)(DA)(DA)(DT)(DG)(DC)
(DT)(DA)(DC)(DA)(DG)(DG)(DC)(DG)(DT)(DT)(DG)(DT)(DA)(DG)(DT)(DT)(DT)(DG)(DT)(DA)
(DC)(DT)(DG)(DG)(DT)(DG)(DA)(DC)(DG)(DA)(DA)(DA)(DC)(DT)(DC)(DA)(DG)(DT)(DG)(DT)
(DT)(DA)(DC)(DG)(DG)(DT)(DA)(DC)(DA)(DT)(DG)(DG)(DG)(DT)(DT)(DC)(DC)(DT)(DA)(DT)
(DT)(DG)(DG)(DG)(DC)(DT)(DT)(DG)(DC)(DT)(DA)(DT)(DC)(DC)(DC)(DT)(DG)(DA)(DA)(DA)
(DA)(DT)(DG)(DA)(DG)(DG)(DG)(DT)(DG)(DG)(DT)(DG)(DG)(DC)(DT)(DC)(DT)(DG)(DA)(DG)
(DG)(DG)(DT)(DG)(DG)(DC)(DG)(DG)(DT)(DT)(DC)(DT)(DG)(DA)(DG)(DG)(DG)(DT)(DG)(DG)
(DC)(DG)(DG)(DT)(DT)(DC)(DT)(DG)(DA)(DG)(DG)(DG)(DT)(DG)(DG)(DC)(DG)(DG)(DT)(DA)
(DC)(DT)(DA)(DA)(DA)(DC)(DC)(DT)(DC)(DC)(DT)(DG)(DA)(DG)(DT)(DA)(DC)(DG)(DG)(DT)
(DG)(DA)(DT)(DA)(DC)(DA)(DC)(DC)(DT)(DA)(DT)(DT)(DC)(DC)(DG)(DG)(DG)(DC)(DT)(DA)
(DT)(DA)(DC)(DT)(DT)(DA)(DT)(DA)(DT)(DC)(DA)(DA)(DC)(DC)(DC)(DT)(DC)(DT)(DC)(DG)
(DA)(DC)(DG)(DG)(DC)(DA)(DC)(DT)(DT)(DA)(DT)(DC)(DC)(DG)(DC)(DC)(DT)(DG)(DG)(DT)
(DA)(DC)(DT)(DG)(DA)(DG)(DC)(DA)(DA)(DA)(DA)(DC)(DC)(DC)(DC)(DG)(DC)(DT)(DA)(DA)
(DT)(DC)(DC)(DT)(DA)(DA)(DT)(DC)(DC)(DT)(DT)(DC)(DT)(DC)(DT)(DT)(DG)(DA)(DG)(DG)
(DA)(DG)(DT)(DC)(DT)(DC)(DA)(DG)(DC)(DC)(DT)(DC)(DT)(DT)(DA)(DA)(DT)(DA)(DC)(DT)
(DT)(DT)(DC)(DA)(DT)(DG)(DT)(DT)(DT)(DC)(DA)(DG)(DA)(DA)(DT)(DA)(DA)(DT)(DA)(DG)
(DG)(DT)(DT)(DC)(DC)(DG)(DA)(DA)(DA)(DT)(DA)(DG)(DG)(DC)(DA)(DG)(DG)(DG)(DG)(DG)
(DC)(DA)(DT)(DT)(DA)(DA)(DC)(DT)(DG)(DT)(DT)(DT)(DA)(DT)(DA)(DC)(DG)(DG)(DG)(DC)
(DA)(DC)(DT)(DG)(DT)(DT)(DA)(DC)(DT)(DC)(DA)(DA)(DG)(DG)(DC)(DA)(DC)(DT)(DG)(DA)
(DC)(DC)(DC)(DC)(DG)(DT)(DT)(DA)(DA)(DA)(DA)(DC)(DT)(DT)(DA)(DT)(DT)(DA)(DC)(DC)
(DA)(DG)(DT)(DA)(DC)(DA)(DC)(DT)(DC)(DC)(DT)(DG)(DT)(DA)(DT)(DC)(DA)(DT)(DC)(DA)
(DA)(DA)(DA)(DG)(DC)(DC)(DA)(DT)(DG)(DT)(DA)(DT)(DG)(DA)(DC)(DG)(DC)(DT)(DT)(DA)
(DC)(DT)(DG)(DG)(DA)(DA)(DC)(DG)(DG)(DT)(DA)(DA)(DA)(DT)(DT)(DC)(DA)(DG)(DA)(DG)
(DA)(DC)(DT)(DG)(DC)(DG)(DC)(DT)(DT)(DT)(DC)(DC)(DA)(DT)(DT)(DC)(DT)(DG)(DG)(DC)
(DT)(DT)(DT)(DA)(DA)(DT)(DG)(DA)(DG)(DG)(DA)(DT)(DT)(DT)(DA)(DT)(DT)(DT)(DG)(DT)
(DT)(DT)(DG)(DT)(DG)(DA)(DA)(DT)(DA)(DT)(DC)(DA)(DA)(DG)(DG)(DC)(DC)(DA)(DA)(DT)
(DC)(DG)(DT)(DC)(DT)(DG)(DA)(DC)(DC)(DT)(DG)(DC)(DC)(DT)(DC)(DA)(DA)(DC)(DC)(DT)
(DC)(DC)(DT)(DG)(DT)(DC)(DA)(DA)(DT)(DG)(DC)(DT)(DG)(DG)(DC)(DG)(DG)(DC)(DG)(DG)
(DC)(DT)(DC)(DT)(DG)(DG)(DT)(DG)(DG)(DT)(DG)(DG)(DT)(DT)(DC)(DT)(DG)(DG)(DT)(DG)
(DG)(DC)(DG)(DG)(DC)(DT)(DC)(DT)(DG)(DA)(DG)(DG)(DG)(DT)(DG)(DG)(DT)(DG)(DG)(DC)
(DT)(DC)(DT)(DG)(DA)(DG)(DG)(DG)(DT)(DG)(DG)(DC)(DG)(DG)(DT)(DT)(DC)(DT)(DG)(DA)
(DG)(DG)(DG)(DT)(DG)(DG)(DC)(DG)(DG)(DC)(DT)(DC)(DT)(DG)(DA)(DG)(DG)(DG)(DA)(DG)
(DG)(DC)(DG)(DG)(DT)(DT)(DC)(DC)(DG)(DG)(DT)(DG)(DG)(DT)(DG)(DG)(DC)(DT)(DC)(DT)
(DG)(DG)(DT)(DT)(DC)(DC)(DG)(DG)(DT)(DG)(DA)(DT)(DT)(DT)(DT)(DG)(DA)(DT)(DT)(DA)
(DT)(DG)(DA)(DA)(DA)(DA)(DG)(DA)(DT)(DG)(DG)(DC)(DA)(DA)(DA)(DC)(DG)(DC)(DT)(DA)
(DA)(DT)(DA)(DA)(DG)(DG)(DG)(DG)(DG)(DC)(DT)(DA)(DT)(DG)(DA)(DC)(DC)(DG)(DA)(DA)
(DA)(DA)(DT)(DG)(DC)(DC)(DG)(DA)(DT)(DG)(DA)(DA)(DA)(DA)(DC)(DG)(DC)(DG)(DC)(DT)
(DA)(DC)(DA)(DG)(DT)(DC)(DT)(DG)(DA)(DC)(DG)(DC)(DT)(DA)(DA)(DA)(DG)(DG)(DC)(DA)
(DA)(DA)(DC)(DT)(DT)(DG)(DA)(DT)(DT)(DC)(DT)(DG)(DT)(DC)(DG)(DC)(DT)(DA)(DC)(DT)
(DG)(DA)(DT)(DT)(DA)(DC)(DG)(DG)(DT)(DG)(DC)(DT)(DG)(DC)(DT)(DA)(DT)(DC)(DG)(DA)
(DT)(DG)(DG)(DT)(DT)(DT)(DC)(DA)(DT)(DT)(DG)(DG)(DT)(DG)(DA)(DC)(DG)(DT)(DT)(DT)
(DC)(DC)(DG)(DG)(DC)(DC)(DT)(DT)(DG)(DC)(DT)(DA)(DA)(DT)(DG)(DG)(DT)(DA)(DA)(DT)
(DG)(DG)(DT)(DG)(DC)(DT)(DA)(DC)(DT)(DG)(DG)(DT)(DG)(DA)(DT)(DT)(DT)(DT)(DG)(DC)
(DT)(DG)(DG)(DC)(DT)(DC)(DT)(DA)(DA)(DT)(DT)(DC)(DC)(DC)(DA)(DA)(DA)(DT)(DG)(DG)
(DC)(DT)(DC)(DA)(DA)(DG)(DT)(DC)(DG)(DG)(DT)(DG)(DA)(DC)(DG)(DG)(DT)(DG)(DA)(DT)
(DA)(DA)(DT)(DT)(DC)(DA)(DC)(DC)(DT)(DT)(DT)(DA)(DA)(DT)(DG)(DA)(DA)(DT)(DA)(DA)
(DT)(DT)(DT)(DC)(DC)(DG)(DT)(DC)(DA)(DA)(DT)(DA)(DT)(DT)(DT)(DA)(DC)(DC)(DT)(DT)
(DC)(DC)(DC)(DT)(DC)(DC)(DC)(DT)(DC)(DA)(DA)(DT)(DC)(DG)(DG)(DT)(DT)(DG)(DA)(DA)
(DT)(DG)(DT)(DC)(DG)(DC)(DC)(DC)(DT)(DT)(DT)(DT)(DG)(DT)(DC)(DT)(DT)(DT)(DG)(DG)
(DC)(DG)(DC)(DT)(DG)(DG)(DT)(DA)(DA)(DA)(DC)(DC)(DA)(DT)(DA)(DT)(DG)(DA)(DA)(DT)
(DT)(DT)(DT)(DC)(DT)(DA)(DT)(DT)(DG)(DA)(DT)(DT)(DG)(DT)(DG)(DA)(DC)(DA)(DA)(DA)
(DA)(DT)(DA)(DA)(DA)(DC)(DT)(DT)(DA)(DT)(DT)(DC)(DC)(DG)(DT)(DG)(DG)(DT)(DG)(DT)
(DC)(DT)(DT)(DT)(DG)(DC)(DG)(DT)(DT)(DT)(DC)(DT)(DT)(DT)(DT)(DA)(DT)(DA)(DT)(DG)
(DT)(DT)(DG)(DC)(DC)(DA)(DC)(DC)(DT)(DT)(DT)(DA)(DT)(DG)(DT)(DA)(DT)(DG)(DT)(DA)
(DT)(DT)(DT)(DT)(DC)(DT)(DA)(DC)(DG)(DT)(DT)(DT)(DG)(DC)(DT)(DA)(DA)(DC)(DA)(DT)
(DA)(DC)(DT)(DG)(DC)(DG)(DT)(DA)(DA)(DT)(DA)(DA)(DG)(DG)(DA)(DG)(DT)(DC)(DT)(DT)
(DA)(DA)(DT)(DC)(DA)(DT)(DG)(DC)(DC)(DA)(DG)(DT)(DT)(DC)(DT)(DT)(DT)(DT)(DG)(DG)
(DG)(DT)(DA)(DT)(DT)(DC)(DC)(DG)(DT)(DT)(DA)(DT)(DT)(DA)(DT)(DT)(DG)(DC)(DG)(DT)
(DT)(DT)(DC)(DC)(DT)(DC)(DG)(DG)(DT)(DT)(DT)(DC)(DC)(DT)(DT)(DC)(DT)(DG)(DG)(DT)
(DA)(DA)(DC)(DT)(DT)(DT)(DG)(DT)(DT)(DC)(DG)(DG)(DC)(DT)(DA)(DT)(DC)(DT)(DG)(DC)
(DT)(DT)(DA)(DC)(DT)(DT)(DT)(DT)(DC)(DT)(DT)(DA)(DA)(DA)(DA)(DA)(DG)(DG)(DG)(DC)
(DT)(DT)(DC)(DG)(DG)(DT)(DA)(DA)(DG)(DA)(DT)(DA)(DG)(DC)(DT)(DA)(DT)(DT)(DG)(DC)
(DT)(DA)(DT)(DT)(DT)(DC)(DA)(DT)(DT)(DG)(DT)(DT)(DT)(DC)(DT)(DT)(DG)(DC)(DT)(DC)
(DT)(DT)(DA)(DT)(DT)(DA)(DT)(DT)(DG)(DG)(DG)(DC)(DT)(DT)(DA)(DA)(DC)(DT)(DC)(DA)
(DA)(DT)(DT)(DC)(DT)(DT)(DG)(DT)(DG)(DG)(DG)(DT)(DT)(DA)(DT)(DC)(DT)(DC)(DT)(DC)
(DT)(DG)(DA)(DT)(DA)(DT)(DT)(DA)(DG)(DC)(DG)(DC)(DT)(DC)(DA)(DA)(DT)(DT)(DA)(DC)
(DC)(DC)(DT)(DC)(DT)(DG)(DA)(DC)(DT)(DT)(DT)(DG)(DT)(DT)(DC)(DA)(DG)(DG)(DG)(DT)
(DG)(DT)(DT)(DC)(DA)(DG)(DT)(DT)(DA)(DA)(DT)(DT)(DC)(DT)(DC)(DC)(DC)(DG)(DT)(DC)
(DT)(DA)(DA)(DT)(DG)(DC)(DG)(DC)(DT)(DT)(DC)(DC)(DC)(DT)(DG)(DT)(DT)(DT)(DT)(DT)
(DA)(DT)(DG)(DT)(DT)(DA)(DT)(DT)(DC)(DT)(DC)(DT)(DC)(DT)(DG)(DT)(DA)(DA)(DA)(DG)
(DG)(DC)(DT)(DG)(DC)(DT)(DA)(DT)(DT)(DT)(DT)(DC)(DA)(DT)(DT)(DT)(DT)(DT)(DG)(DA)
(DC)(DG)(DT)(DT)(DA)(DA)(DA)(DC)(DA)(DA)(DA)(DA)(DA)(DA)(DT)(DC)(DG)(DT)(DT)(DT)
(DC)(DT)(DT)(DA)(DT)(DT)(DT)(DG)(DG)(DA)(DT)(DT)(DG)(DG)(DG)(DA)(DT)(DA)(DA)(DA)
(DT)(DA)(DA)(DT)(DA)(DT)(DG)(DG)(DC)(DT)(DG)(DT)(DT)(DT)(DA)(DT)(DT)(DT)(DT)(DG)
(DT)(DA)(DA)(DC)(DT)(DG)(DG)(DC)(DA)(DA)(DA)(DT)(DT)(DA)(DG)(DG)(DC)(DT)(DC)(DT)
(DG)(DG)(DA)(DA)(DA)(DG)(DA)(DC)(DG)(DC)(DT)(DC)(DG)(DT)(DT)(DA)(DG)(DC)(DG)(DT)
(DT)(DG)(DG)(DT)(DA)(DA)(DG)(DA)(DT)(DT)(DC)(DA)(DG)(DG)(DA)(DT)(DA)(DA)(DA)(DA)
(DT)(DT)(DG)(DT)(DA)(DG)(DC)(DT)(DG)(DG)(DG)(DT)(DG)(DC)(DA)(DA)(DA)(DA)(DT)(DA)
(DG)(DC)(DA)(DA)(DC)(DT)(DA)(DA)(DT)(DC)(DT)(DT)(DG)(DA)(DT)(DT)(DT)(DA)(DA)(DG)
(DG)(DC)(DT)(DT)(DC)(DA)(DA)(DA)(DA)(DC)(DC)(DT)(DC)(DC)(DC)(DG)(DC)(DA)(DA)(DG)
(DT)(DC)(DG)(DG)(DG)(DA)(DG)(DG)(DT)(DT)(DC)(DG)(DC)(DT)(DA)(DA)(DA)(DA)(DC)(DG)
(DC)(DC)(DT)(DC)(DG)(DC)(DG)(DT)(DT)(DC)(DT)(DT)(DA)(DG)(DA)(DA)(DT)(DA)(DC)(DC)
(DG)(DG)(DA)(DT)(DA)(DA)(DG)(DC)(DC)(DT)(DT)(DC)(DT)(DA)(DT)(DA)(DT)(DC)(DT)(DG)
(DA)(DT)(DT)(DT)(DG)(DC)(DT)(DT)(DG)(DC)(DT)(DA)(DT)(DT)(DG)(DG)(DG)(DC)(DG)(DC)
(DG)(DG)(DT)(DA)(DA)(DT)(DG)(DA)(DT)(DT)(DC)(DC)(DT)(DA)(DC)(DG)(DA)(DT)(DG)(DA)
(DA)(DA)(DA)(DT)(DA)(DA)(DA)(DA)(DA)(DC)(DG)(DG)(DC)(DT)(DT)(DG)(DC)(DT)(DT)(DG)
(DT)(DT)(DC)(DT)(DC)(DG)(DA)(DT)(DG)(DA)(DG)(DT)(DG)(DC)(DG)(DG)(DT)(DA)(DC)(DT)
(DT)(DG)(DG)(DT)(DT)(DT)(DA)(DA)(DT)(DA)(DC)(DC)(DC)(DG)(DT)(DT)(DC)(DT)(DT)(DG)
(DG)(DA)(DA)(DT)(DG)(DA)(DT)(DA)(DA)(DG)(DG)(DA)(DA)(DA)(DG)(DA)(DC)(DA)(DG)(DC)
(DC)(DG)(DA)(DT)(DT)(DA)(DT)(DT)(DG)(DA)(DT)(DT)(DG)(DG)(DT)(DT)(DT)(DC)(DT)(DA)
(DC)(DA)(DT)(DG)(DC)(DT)(DC)(DG)(DT)(DA)(DA)(DA)(DT)(DT)(DA)(DG)(DG)(DA)(DT)(DG)
(DG)(DG)(DA)(DT)(DA)(DT)(DT)(DA)(DT)(DT)(DT)(DT)(DT)(DC)(DT)(DT)(DG)(DT)(DT)(DC)
(DA)(DG)(DG)(DA)(DC)(DT)(DT)(DA)(DT)(DC)(DT)(DA)(DT)(DT)(DG)(DT)(DT)(DG)(DA)(DT)
(DA)(DA)(DA)(DC)(DA)(DG)(DG)(DC)(DG)(DC)(DG)(DT)(DT)(DC)(DT)(DG)(DC)(DA)(DT)(DT)
(DA)(DG)(DC)(DT)(DG)(DA)(DA)(DC)(DA)(DT)(DG)(DT)(DT)(DG)(DT)(DT)(DT)(DA)(DT)(DT)
(DG)(DT)(DC)(DG)(DT)(DC)(DG)(DT)(DC)(DT)(DG)(DG)(DA)(DC)(DA)(DG)(DA)(DA)(DT)(DT)
(DA)(DC)(DT)(DT)(DT)(DA)(DC)(DC)(DT)(DT)(DT)(DT)(DG)(DT)(DC)(DG)(DG)(DT)(DA)(DC)
(DT)(DT)(DT)(DA)(DT)(DA)(DT)(DT)(DC)(DT)(DC)(DT)(DT)(DA)(DT)(DT)(DA)(DC)(DT)(DG)
(DG)(DC)(DT)(DC)(DG)(DA)(DA)(DA)(DA)(DT)(DG)(DC)(DC)(DT)(DC)(DT)(DG)(DC)(DC)(DT)
(DA)(DA)(DA)(DT)(DT)(DA)(DC)(DA)(DT)(DG)(DT)(DT)(DG)(DG)(DC)(DG)(DT)(DT)(DG)(DT)
(DT)(DA)(DA)(DA)(DT)(DA)(DT)(DG)(DG)(DC)(DG)(DA)(DT)(DT)(DC)(DT)(DC)(DA)(DA)(DT)
(DT)(DA)(DA)(DG)(DC)(DC)(DC)(DT)(DA)(DC)(DT)(DG)(DT)(DT)(DG)(DA)(DG)(DC)(DG)(DT)
(DT)(DG)(DG)(DC)(DT)(DT)(DT)(DA)(DT)(DA)(DC)(DT)(DG)(DG)(DT)(DA)(DA)(DG)(DA)(DA)
(DT)(DT)(DT)(DG)(DT)(DA)(DT)(DA)(DA)(DC)(DG)(DC)(DA)(DT)(DA)(DT)(DG)(DA)(DT)(DA)
(DC)(DT)(DA)(DA)(DA)(DC)(DA)(DG)(DG)(DC)(DT)(DT)(DT)(DT)(DT)(DC)(DT)(DA)(DG)(DT)
(DA)(DA)(DT)(DT)(DA)(DT)(DG)(DA)(DT)(DT)(DC)(DC)(DG)(DG)(DT)(DG)(DT)(DT)(DT)(DA)
(DT)(DT)(DC)(DT)(DT)(DA)(DT)(DT)(DT)(DA)(DA)(DC)(DG)(DC)(DC)(DT)(DT)(DA)(DT)(DT)
(DT)(DA)(DT)(DC)(DA)(DC)(DA)(DC)(DG)(DG)(DT)(DC)(DG)(DG)(DT)(DA)(DT)(DT)(DT)(DC)
(DA)(DA)(DA)(DC)(DC)(DA)(DT)(DT)(DA)(DA)(DA)(DT)(DT)(DT)(DA)(DG)(DG)(DT)(DC)(DA)
(DG)(DA)(DA)(DG)(DA)(DT)(DG)(DA)(DA)(DA)(DT)(DT)(DA)(DA)(DC)(DT)(DA)(DA)(DA)(DA)
(DT)(DA)(DT)(DA)(DT)(DT)(DT)(DG)(DA)(DA)(DA)(DA)(DA)(DG)(DT)(DT)(DT)(DT)(DC)(DT)
(DC)(DG)(DC)(DG)(DT)(DT)(DC)(DT)(DT)(DT)(DG)(DT)(DC)(DT)(DT)(DG)(DC)(DG)(DA)(DT)
(DT)(DG)(DG)(DA)(DT)(DT)(DT)(DG)(DC)(DA)(DT)(DC)(DA)(DG)(DC)(DA)(DT)(DT)(DT)(DA)
(DC)(DA)(DT)(DA)(DT)(DA)(DG)(DT)(DT)(DA)(DT)(DA)(DT)(DA)(DA)(DC)(DC)(DC)(DA)(DA)
(DC)(DC)(DT)(DA)(DA)(DG)(DC)(DC)(DG)(DG)(DA)(DG)(DG)(DT)(DT)(DA)(DA)(DA)(DA)(DA)
(DG)(DG)(DT)(DA)(DG)(DT)(DC)(DT)(DC)(DT)(DC)(DA)(DG)(DA)(DC)(DC)(DT)(DA)(DT)(DG)
(DA)(DT)(DT)(DT)(DT)(DG)(DA)(DT)(DA)(DA)(DA)(DT)(DT)(DC)(DA)(DC)(DT)(DA)(DT)(DT)
(DG)(DA)(DC)(DT)(DC)(DT)(DT)(DC)(DT)(DC)(DA)(DG)(DC)(DG)(DT)(DC)(DT)(DT)(DA)(DA)
(DT)(DC)(DT)(DA)(DA)(DG)(DC)(DT)(DA)(DT)(DC)(DG)(DC)(DT)(DA)(DT)(DG)(DT)(DT)(DT)
(DT)(DC)(DA)(DA)(DG)(DG)(DA)(DT)(DT)(DC)(DT)(DA)(DA)(DG)(DG)(DG)(DA)(DA)(DA)(DA)
(DT)(DT)(DA)(DA)(DT)(DT)(DA)(DA)(DT)(DA)(DG)(DC)(DG)(DA)(DC)(DG)(DA)(DT)(DT)(DT)
(DA)(DC)(DA)(DG)(DA)(DA)(DG)(DC)(DA)(DA)(DG)(DG)(DT)(DT)(DA)(DT)(DT)(DC)(DA)(DC)
(DT)(DC)(DA)(DC)(DA)(DT)(DA)(DT)(DA)(DT)(DT)(DG)(DA)(DT)(DT)(DT)(DA)(DT)(DG)(DT)
(DA)(DC)(DT)(DG)(DT)(DT)(DT)(DC)(DC)(DA)(DT)(DT)(DA)(DA)(DA)(DA)(DA)(DA)(DG)(DG)
(DT)(DA)(DA)(DT)(DT)(DC)(DA)(DA)(DA)(DT)(DG)(DA)(DA)(DA)(DT)(DT)(DG)(DT)(DT)(DA)
(DA)(DA)(DT)(DG)(DT)(DA)(DA)(DT)(DT)(DA)(DA)(DT)(DT)(DT)(DT)(DG)(DT)(DT)(DT)(DT)
(DC)(DT)(DT)(DG)(DA)(DT)(DG)(DT)(DT)(DT)(DG)(DT)(DT)(DT)(DC)(DA)(DT)(DC)(DA)(DT)
(DC)(DT)(DT)(DC)(DT)(DT)(DT)(DT)(DG)(DC)(DT)(DC)(DA)(DG)(DG)(DT)(DA)(DA)(DT)(DT)
(DG)(DA)(DA)(DA)(DT)(DG)(DA)(DA)(DT)(DA)(DA)(DT)(DT)(DC)(DG)(DC)(DC)(DT)(DC)(DT)
(DG)(DC)(DG)(DC)(DG)(DA)(DT)(DT)(DT)(DT)(DG)(DT)(DA)(DA)(DC)(DT)(DT)(DG)(DG)(DT)
(DA)(DT)(DT)(DC)(DA)(DA)(DA)(DG)(DC)(DA)(DA)(DT)(DC)(DA)(DG)(DG)(DC)(DG)(DA)(DA)
(DT)(DC)(DC)(DG)(DT)(DT)(DA)(DT)(DT)(DG)(DT)(DT)(DT)(DC)(DT)(DC)(DC)(DC)(DG)(DA)
(DT)(DG)(DT)(DA)(DA)(DA)(DA)(DG)(DG)(DT)(DA)(DC)(DT)(DG)(DT)(DT)(DA)(DC)(DT)(DG)
(DT)(DA)(DT)(DA)(DT)(DT)(DC)(DA)(DT)(DC)(DT)(DG)(DA)(DC)(DG)(DT)(DT)(DA)(DA)(DA)
(DC)(DC)(DT)(DG)(DA)(DA)(DA)(DA)(DT)(DC)(DT)(DA)(DC)(DG)(DC)(DA)(DA)(DT)(DT)(DT)
(DC)(DT)(DT)(DT)(DA)(DT)(DT)(DT)(DC)(DT)(DG)(DT)(DT)(DT)(DT)(DA)(DC)(DG)(DT)(DG)
(DC)(DA)(DA)(DA)(DT)(DA)(DA)(DT)(DT)(DT)(DT)(DG)(DA)(DT)(DA)(DT)(DG)(DG)(DT)(DA)
(DG)(DG)(DT)(DT)(DC)(DT)(DA)(DA)(DC)(DC)(DC)(DT)(DT)(DC)(DC)(DA)(DT)(DT)(DA)(DT)
(DT)(DC)(DA)(DG)(DA)(DA)(DG)(DT)(DA)(DT)(DA)(DA)(DT)(DC)(DC)(DA)(DA)(DA)(DC)(DA)
(DA)(DT)(DC)(DA)(DG)(DG)(DA)(DT)(DT)(DA)(DT)(DA)(DT)(DT)(DG)(DA)(DT)(DG)(DA)(DA)
(DT)(DT)(DG)(DC)(DC)(DA)(DT)(DC)(DA)(DT)(DC)(DT)(DG)(DA)(DT)(DA)(DA)(DT)(DC)(DA)
(DG)(DG)(DA)(DA)(DT)(DA)(DT)(DG)(DA)(DT)(DG)(DA)(DT)(DA)(DA)(DT)(DT)(DC)(DC)(DG)
(DC)(DT)(DC)(DC)(DT)(DT)(DC)(DT)(DG)(DG)(DT)(DG)(DG)(DT)(DT)(DT)(DC)(DT)(DT)(DT)
(DG)(DT)(DT)(DC)(DC)(DG)(DC)(DA)(DA)(DA)(DA)(DT)(DG)(DA)(DT)(DA)(DA)(DT)(DG)(DT)
(DT)(DA)(DC)(DT)(DC)(DA)(DA)(DA)(DC)(DT)(DT)(DT)(DT)(DA)(DA)(DA)(DA)(DT)(DT)(DA)
(DA)(DT)(DA)(DA)(DC)(DG)(DT)(DT)(DC)(DG)(DG)(DG)(DC)(DA)(DA)(DA)(DG)(DG)(DA)(DT)
(DT)(DT)(DA)(DA)(DT)(DA)(DC)(DG)(DA)(DG)(DT)(DT)(DG)(DT)(DC)(DG)(DA)(DA)(DT)(DT)
(DG)(DT)(DT)(DT)(DG)(DT)(DA)(DA)(DA)(DG)(DT)(DC)(DT)(DA)(DA)(DT)(DA)(DC)(DT)(DT)
(DC)(DT)(DA)(DA)(DA)(DT)(DC)(DC)(DT)(DC)(DA)(DA)(DA)(DT)(DG)(DT)(DA)(DT)(DT)(DA)
(DT)(DC)(DT)(DA)(DT)(DT)(DG)(DA)(DC)(DG)(DG)(DC)(DT)(DC)(DT)(DA)(DA)(DT)(DC)(DT)
(DA)(DT)(DT)(DA)(DG)(DT)(DT)(DG)(DT)(DT)(DA)(DG)(DT)(DG)(DC)(DT)(DC)(DC)(DT)(DA)
(DA)(DA)(DG)(DA)(DT)(DA)(DT)(DT)(DT)(DT)(DA)(DG)(DA)(DT)(DA)(DA)(DC)(DC)(DT)(DT)
(DC)(DC)(DT)(DC)(DA)(DA)(DT)(DT)(DC)(DC)(DT)(DT)(DT)(DC)(DA)(DA)(DC)(DT)(DG)(DT)
(DT)(DG)(DA)(DT)(DT)(DT)(DG)(DC)(DC)(DA)(DA)(DC)(DT)(DG)(DA)(DC)(DC)(DA)(DG)(DA)
(DT)(DA)(DT)(DT)(DG)(DA)(DT)(DT)(DG)(DA)(DG)(DG)(DG)(DT)(DT)(DT)(DG)(DA)(DT)(DA)
(DT)(DT)(DT)(DG)(DA)(DG)(DG)(DT)(DT)(DC)(DA)(DG)(DC)(DA)(DA)(DG)(DG)(DT)(DG)(DA)
(DT)(DG)(DC)(DT)(DT)(DT)(DA)(DG)(DA)(DT)(DT)(DT)(DT)(DT)(DC)(DA)(DT)(DT)(DT)(DG)
(DC)(DT)(DG)(DC)(DT)(DG)(DG)(DC)(DT)(DC)(DT)(DC)(DA)(DG)(DC)(DG)(DT)(DG)(DG)(DC)
(DA)(DC)(DT)(DG)(DT)(DT)(DG)(DC)(DA)(DG)(DG)(DC)(DG)(DG)(DT)(DG)(DT)(DT)(DA)(DA)
(DT)(DA)(DC)(DT)(DG)(DA)(DC)(DC)(DG)(DC)(DC)(DT)(DC)(DA)(DC)(DC)(DT)(DC)(DT)(DG)
(DT)(DT)(DT)(DT)(DA)(DT)(DC)(DT)(DT)(DC)(DT)(DG)(DC)(DT)(DG)(DG)(DT)(DG)(DG)(DT)
(DT)(DC)(DG)(DT)(DT)(DC)(DG)(DG)(DT)(DA)(DT)(DT)(DT)(DT)(DT)(DA)(DA)(DT)(DG)(DG)
(DC)(DG)(DA)(DT)(DG)(DT)(DT)(DT)(DT)(DA)(DG)(DG)(DG)(DC)(DT)(DA)(DT)(DC)(DA)(DG)
(DT)(DT)(DC)(DG)(DC)(DG)(DC)(DA)(DT)(DT)(DA)(DA)(DA)(DG)(DA)(DC)(DT)(DA)(DA)(DT)
(DA)(DG)(DC)(DC)(DA)(DT)(DT)(DC)(DA)(DA)(DA)(DA)(DA)(DT)(DA)(DT)(DT)(DG)(DT)(DC)
(DT)(DG)(DT)(DG)(DC)(DC)(DA)(DC)(DG)(DT)(DA)(DT)(DT)(DC)(DT)(DT)(DA)(DC)(DG)(DC)
(DT)(DT)(DT)(DC)(DA)(DG)(DG)(DT)(DC)(DA)(DG)(DA)(DA)(DG)(DG)(DG)(DT)(DT)(DC)(DT)
(DA)(DT)(DC)(DT)(DC)(DT)(DG)(DT)(DT)(DG)(DG)(DC)(DC)(DA)(DG)(DA)(DA)(DT)(DG)(DT)
(DC)(DC)(DC)(DT)(DT)(DT)(DT)(DA)(DT)(DT)(DA)(DC)(DT)(DG)(DG)(DT)(DC)(DG)(DT)(DG)
(DT)(DG)(DA)(DC)(DT)(DG)(DG)(DT)(DG)(DA)(DA)(DT)(DC)(DT)(DG)(DC)(DC)(DA)(DA)(DT)
(DG)(DT)(DA)(DA)(DA)(DT)(DA)(DA)(DT)(DC)(DC)(DA)(DT)(DT)(DT)(DC)(DA)(DG)(DA)(DC)
(DG)(DA)(DT)(DT)(DG)(DA)(DG)(DC)(DG)(DT)(DC)(DA)(DA)(DA)(DA)(DT)(DG)(DT)(DA)(DG)
(DG)(DT)(DA)(DT)(DT)(DT)(DC)(DC)(DA)(DT)(DG)(DA)(DG)(DC)(DG)(DT)(DT)(DT)(DT)(DT)
(DC)(DC)(DT)(DG)(DT)(DT)(DG)(DC)(DA)(DA)(DT)(DG)(DG)(DC)(DT)(DG)(DG)(DC)(DG)(DG)
(DT)(DA)(DA)(DT)(DA)(DT)(DT)(DG)(DT)(DT)(DC)(DT)(DG)(DG)(DA)(DT)(DA)(DT)(DT)(DA)
(DC)(DC)(DA)(DG)(DC)(DA)(DA)(DG)(DG)(DC)(DC)(DG)(DA)(DT)(DA)(DG)(DT)(DT)(DT)(DG)
(DA)(DG)(DT)(DT)(DC)(DT)(DT)(DC)(DT)(DA)(DC)(DT)(DC)(DA)(DG)(DG)(DC)(DA)(DA)(DG)
(DT)(DG)(DA)(DT)(DG)(DT)(DT)(DA)(DT)(DT)(DA)(DC)(DT)(DA)(DA)(DT)(DC)(DA)(DA)(DA)
(DG)(DA)(DA)(DG)(DT)(DA)(DT)(DT)(DG)(DC)(DT)(DA)(DC)(DA)(DA)(DC)(DG)(DG)(DT)(DT)
(DA)(DA)(DT)(DT)(DT)(DG)(DC)(DG)(DT)(DG)(DA)(DT)(DG)(DG)(DA)(DC)(DA)(DG)(DA)(DC)
(DT)(DC)(DT)(DT)(DT)(DT)(DA)(DC)(DT)(DC)(DG)(DG)(DT)(DG)(DG)(DC)(DC)(DT)(DC)(DA)
(DC)(DT)(DG)(DA)(DT)(DT)(DA)(DT)(DA)(DA)(DA)(DA)(DA)(DC)(DA)(DC)(DT)(DT)(DC)(DT)
(DC)(DA)(DG)(DG)(DA)(DT)(DT)(DC)(DT)(DG)(DG)(DC)(DG)(DT)(DA)(DC)(DC)(DG)(DT)(DT)
(DC)(DC)(DT)(DG)(DT)(DC)(DT)(DA)(DA)(DA)(DA)(DT)(DC)(DC)(DC)(DT)(DT)(DT)(DA)(DA)
(DT)(DC)(DG)(DG)(DC)(DC)(DT)(DC)(DC)(DT)(DG)(DT)(DT)(DT)(DA)(DG)(DC)(DT)(DC)(DC)
(DC)(DG)(DC)(DT)(DC)(DT)(DG)(DA)(DT)(DT)(DC)(DT)(DA)(DA)(DC)(DG)(DA)(DG)(DG)(DA)
(DA)(DA)(DG)(DC)(DA)(DC)(DG)(DT)(DT)(DA)(DT)(DA)(DC)(DG)(DT)(DG)(DC)(DT)(DC)(DG)
(DT)(DC)(DA)(DA)(DA)(DG)(DC)(DA)(DA)(DC)(DC)(DA)(DT)(DA)(DG)(DT)(DA)(DC)(DG)(DC)
(DG)(DC)(DC)(DC)(DT)(DG)(DT)(DA)(DG)(DC)(DG)(DG)(DC)(DG)(DC)(DA)(DT)(DT)(DA)(DA)
(DG)(DC)(DG)(DC)(DG)(DG)(DC)(DG)(DG)(DG)(DT)(DG)(DT)(DG)(DG)(DT)(DG)(DG)(DT)(DT)
(DA)(DC)(DG)(DC)(DG)(DC)(DA)(DG)(DC)(DG)(DT)(DG)(DA)(DC)(DC)(DG)(DC)(DT)(DA)(DC)
(DA)(DC)(DT)(DT)(DG)(DC)(DC)(DA)(DG)(DC)(DG)(DC)(DC)(DC)(DT)(DA)(DG)(DC)(DG)(DC)
(DC)(DC)(DG)(DC)(DT)(DC)(DC)(DT)(DT)(DT)(DC)(DG)(DC)(DT)(DT)(DT)(DC)(DT)(DT)(DC)
(DC)(DC)(DT)(DT)(DC)(DC)(DT)(DT)(DT)(DC)(DT)(DC)(DG)(DC)(DC)(DA)(DC)(DG)(DT)(DT)
(DC)(DG)(DC)(DC)(DG)(DG)(DC)(DT)(DT)(DT)(DC)(DC)(DC)(DC)(DG)(DT)(DC)(DA)(DA)(DG)
(DC)(DT)(DC)(DT)(DA)(DA)(DA)(DT)(DC)(DG)(DG)(DG)(DG)(DG)(DC)(DT)(DC)(DC)(DC)(DT)
(DT)(DT)(DA)(DG)(DG)(DG)(DT)(DT)(DC)(DC)(DG)(DA)(DT)(DT)(DT)(DA)(DG)(DT)(DG)(DC)
(DT)(DT)(DT)(DA)(DC)(DG)(DG)(DC)(DA)(DC)(DC)(DT)(DC)(DG)(DA)(DC)(DC)(DC)(DC)(DA)
(DA)(DA)(DA)(DA)(DA)(DC)(DT)(DT)(DG)(DA)(DT)(DT)(DT)(DG)(DG)(DG)(DT)(DG)(DA)(DT)
(DG)(DG)(DT)(DT)(DC)(DA)(DC)(DG)(DT)(DA)(DG)(DT)(DG)(DG)(DG)(DC)(DC)(DA)(DT)(DC)
(DG)(DC)(DC)(DC)
;
AA
2 'polydeoxyribonucleotide'
;(DT)(DT)(DC)(DG)(DC)(DC)(DA)(DT)(DT)(DC)(DA)(DG)(DG)(DC)(DT)(DG)(DC)(DC)(DA)(DG)
(DC)(DT)(DT)(DT)(DT)(DT)(DT)(DT)(DT)
;
AB
3 'polydeoxyribonucleotide'
;(DT)(DC)(DG)(DA)(DT)(DG)(DA)(DA)(DC)(DG)(DG)(DT)(DA)(DA)(DT)(DC)(DA)(DA)(DG)(DC)
(DG)(DC)(DC)(DA)(DG)(DG)(DC)(DG)(DA)(DT)(DC)(DG)(DC)(DA)(DG)(DT)(DT)(DT)(DG)(DA)
(DT)(DT)(DC)(DT)(DA)(DG)(DC)(DT)
;
AC
4 'polydeoxyribonucleotide'
;(DT)(DT)(DT)(DT)(DT)(DG)(DG)(DA)(DG)(DC)(DA)(DA)(DA)(DC)(DT)(DA)(DC)(DA)(DA)(DA)
(DG)(DC)(DA)(DT)(DT)(DG)(DC)(DC)(DT)(DG)(DC)(DT)(DA)(DT)(DT)(DT)(DT)(DA)(DA)(DA)
(DA)(DG)(DG)(DG)(DT)(DG)(DA)(DG)(DA)(DA)(DA)(DG)(DG)
;
AD
5 'polydeoxyribonucleotide'
;(DT)(DT)(DT)(DT)(DC)(DC)(DG)(DG)(DC)(DA)(DC)(DC)(DT)(DC)(DG)(DG)(DC)(DC)(DT)(DC)
(DA)(DG)(DG)(DA)(DA)(DT)(DT)(DT)(DT)(DT)(DT)(DT)(DT)(DT)(DT)(DG)(DA)(DT)(DC)(DG)
(DC)(DA)(DC)(DT)(DC)(DC)(DA)(DG)(DG)(DG)(DT)(DC)(DA)(DG)(DG)(DA)(DT)(DT)(DT)(DT)
;
AE
6 'polydeoxyribonucleotide'
;(DA)(DC)(DC)(DA)(DG)(DG)(DC)(DA)(DG)(DG)(DA)(DT)(DA)(DG)(DG)(DT)(DG)(DC)(DA)(DT)
(DC)(DT)(DG)(DC)(DT)(DC)(DC)(DT)(DG)(DT)(DA)(DG)(DT)(DT)(DT)(DT)(DA)(DA)(DA)(DT)
(DG)(DC)(DA)(DA)(DT)(DG)(DC)(DC)
;
AF
7 'polydeoxyribonucleotide'
;(DA)(DT)(DC)(DA)(DG)(DC)(DT)(DC)(DG)(DT)(DA)(DA)(DA)(DA)(DC)(DT)(DT)(DC)(DA)(DG)
(DA)(DA)(DA)(DA)(DG)(DT)(DG)(DC)(DG)(DG)(DG)(DC)(DG)(DA)(DT)(DG)(DT)(DG)(DC)(DT)
(DG)(DC)(DA)(DA)(DG)(DG)(DC)(DG)
;
AG
8 'polydeoxyribonucleotide'
;(DT)(DT)(DT)(DT)(DC)(DC)(DG)(DT)(DG)(DG)(DG)(DA)(DT)(DT)(DA)(DA)(DA)(DT)(DG)(DT)
(DG)(DA)(DG)(DC)(DG)(DT)(DT)(DT)(DT)(DT)(DT)(DT)(DT)(DT)(DT)(DA)(DG)(DT)(DA)(DA)
(DC)(DA)(DA)(DC)(DC)(DC)(DG)(DT)(DT)(DT)(DT)(DT)(DG)(DA)(DT)(DA)(DT)(DT)(DT)(DT)
;
AH
9 'polydeoxyribonucleotide'
;(DA)(DC)(DC)(DA)(DA)(DT)(DA)(DG)(DG)(DA)(DA)(DC)(DG)(DC)(DC)(DA)(DT)(DT)(DT)(DT)
(DG)(DT)(DT)(DA)(DT)(DT)(DT)(DT)(DT)(DT)(DT)(DT)(DT)(DT)(DA)(DA)(DA)(DT)(DT)(DC)
(DG)(DC)
;
AI
10 'polydeoxyribonucleotide'
;(DT)(DT)(DT)(DT)(DC)(DA)(DA)(DC)(DT)(DA)(DA)(DA)(DA)(DT)(DA)(DT)(DA)(DA)(DT)(DG)
(DC)(DT)(DG)(DT)(DA)(DT)(DT)(DT)(DT)(DT)(DT)(DT)(DT)(DT)(DT)(DG)(DC)(DT)(DC)(DA)
(DA)(DC)(DA)(DT)(DG)(DT)(DT)(DT)(DA)(DG)(DA)(DG)(DC)(DT)(DT)(DA)(DT)(DT)(DT)(DT)
;
AJ
11 'polydeoxyribonucleotide'
;(DT)(DC)(DT)(DG)(DG)(DA)(DA)(DG)(DT)(DT)(DT)(DC)(DA)(DT)(DT)(DC)(DA)(DT)(DA)(DG)
(DT)(DA)(DG)(DT)(DG)(DC)(DA)(DA)(DA)(DG)(DA)(DA)
;
AK
12 'polydeoxyribonucleotide'
;(DA)(DG)(DC)(DA)(DT)(DT)(DA)(DA)(DC)(DA)(DT)(DC)(DC)(DA)(DA)(DT)(DA)(DT)(DT)(DT)
(DG)(DG)(DG)(DG)(DT)(DT)(DT)(DT)(DT)(DT)(DT)(DT)(DC)(DG)(DC)(DG)(DA)(DG)(DC)(DT)
;
AL
13 'polydeoxyribonucleotide'
;(DT)(DA)(DG)(DT)(DT)(DT)(DG)(DA)(DT)(DT)(DA)(DG)(DC)(DA)(DA)(DA)(DA)(DA)(DT)(DC)
(DG)(DG)(DT)(DT)(DG)(DT)(DA)(DC)(DC)(DA)(DA)(DA)(DC)(DT)(DA)(DC)(DA)(DG)(DA)(DG)
(DT)(DA)(DA)(DA)(DA)(DT)(DG)(DT)
;
AM
14 'polydeoxyribonucleotide'
;(DC)(DC)(DA)(DT)(DT)(DA)(DG)(DA)(DG)(DC)(DA)(DA)(DG)(DG)(DA)(DT)(DA)(DA)(DA)(DA)
(DA)(DT)(DT)(DT)(DG)(DG)(DT)(DA)(DA)(DT)(DA)(DG)
;
AN
15 'polydeoxyribonucleotide'
;(DT)(DC)(DA)(DA)(DT)(DA)(DA)(DC)(DA)(DT)(DA)(DT)(DT)(DT)(DT)(DC)(DA)(DA)(DT)(DA)
(DC)(DT)(DT)(DT)(DT)(DC)(DC)(DA)(DC)(DA)(DG)(DA)(DG)(DA)(DA)(DA)(DG)(DA)(DC)(DA)
(DG)(DC)(DA)(DT)(DC)(DG)(DG)(DA)
;
AO
16 'polydeoxyribonucleotide'
;(DC)(DA)(DT)(DC)(DA)(DA)(DC)(DA)(DA)(DC)(DA)(DA)(DA)(DC)(DG)(DG)(DC)(DG)(DG)(DA)
(DT)(DT)(DG)(DA)(DC)(DC)(DG)(DT)(DA)(DA)(DT)(DG)(DC)(DA)(DT)(DA)(DT)(DA)(DA)(DC)
;
AP
17 'polydeoxyribonucleotide'
;(DC)(DC)(DA)(DG)(DC)(DT)(DT)(DT)(DA)(DG)(DT)(DA)(DG)(DA)(DT)(DT)(DA)(DG)(DT)(DT)
(DG)(DA)(DT)(DT)(DC)(DC)(DC)(DA)(DA)(DT)(DT)(DC)(DT)(DA)(DA)(DA)(DT)(DA)(DT)(DG)
(DT)(DT)(DT)(DT)(DT)
;
AQ
18 'polydeoxyribonucleotide'
;(DT)(DC)(DA)(DA)(DA)(DA)(DA)(DT)(DG)(DC)(DA)(DA)(DA)(DT)(DG)(DG)(DG)(DA)(DA)(DA)
(DA)(DG)(DG)(DT)(DG)(DG)(DC)(DA)(DT)(DC)(DA)(DA)(DT)(DT)(DC)(DT)(DA)(DC)(DT)(DA)
(DA)(DT)(DT)(DT)(DT)(DT)(DT)(DA)
;
AR
19 'polydeoxyribonucleotide'
;(DA)(DA)(DG)(DC)(DA)(DA)(DA)(DT)(DC)(DG)(DT)(DT)(DA)(DA)(DT)(DA)(DA)(DA)(DA)(DG)
(DA)(DT)(DT)(DC)(DT)(DG)(DC)(DG)(DG)(DG)(DA)(DG)(DC)(DC)(DA)(DA)(DT)(DA)(DC)(DT)
(DG)(DC)(DG)(DG)(DA)(DA)(DT)(DC)
;
AS
20 'polydeoxyribonucleotide'
;(DG)(DG)(DG)(DG)(DA)(DC)(DG)(DA)(DG)(DT)(DA)(DA)(DC)(DC)(DG)(DT)(DC)(DA)(DC)(DG)
(DT)(DT)(DG)(DG)(DT)(DG)(DT)(DA)(DG)(DA)(DT)(DG)(DC)(DG)(DG)(DA)(DT)(DT)(DC)(DT)
(DT)(DT)(DT)(DT)(DT)
;
AT
21 'polydeoxyribonucleotide'
;(DC)(DC)(DA)(DC)(DC)(DA)(DC)(DC)(DG)(DC)(DA)(DG)(DG)(DT)(DC)(DA)(DG)(DA)(DC)(DG)
(DA)(DT)(DT)(DG)(DT)(DT)(DT)(DG)(DC)(DT)(DC)(DA)(DA)(DG)(DT)(DT)(DA)(DA)(DT)(DG)
(DC)(DT)(DC)(DA)(DA)(DA)(DT)(DG)
;
AU
22 'polydeoxyribonucleotide'
;(DC)(DA)(DC)(DC)(DA)(DG)(DA)(DA)(DA)(DA)(DC)(DC)(DT)(DC)(DA)(DC)(DA)(DG)(DC)(DG)
(DC)(DA)(DG)(DT)(DC)(DG)(DC)(DA)(DG)(DA)(DA)(DA)(DC)(DA)(DG)(DC)(DG)(DG)(DA)(DT)
;
AV
23 'polydeoxyribonucleotide'
;(DT)(DT)(DT)(DT)(DT)(DG)(DC)(DC)(DA)(DC)(DC)(DC)(DT)(DA)(DA)(DC)(DC)(DG)(DC)(DC)
(DT)(DC)(DC)(DC)(DT)(DC)(DT)(DT)(DT)(DT)(DT)(DT)(DA)(DG)(DA)(DG)(DC)(DC)(DG)(DC)
(DC)(DA)(DC)(DC)(DC)(DC)(DC)(DA)(DG)(DA)(DG)(DC)(DC)(DT)(DT)(DT)(DT)(DT)
;
AW
24 'polydeoxyribonucleotide'
;(DT)(DT)(DT)(DT)(DT)(DT)(DA)(DG)(DA)(DG)(DA)(DG)(DA)(DA)(DC)(DC)(DA)(DG)(DA)(DC)
(DC)(DG)(DG)(DA)(DA)(DT)(DT)(DT)(DT)(DT)(DT)(DT)(DT)(DT)(DT)(DG)(DC)(DA)(DA)(DA)
(DC)(DT)(DC)(DC)(DA)(DA)(DC)(DA)(DG)(DA)(DA)(DC)(DG)(DA)(DG)(DT)(DT)(DT)(DT)(DT)
;
AX
25 'polydeoxyribonucleotide'
;(DT)(DA)(DC)(DC)(DT)(DT)(DT)(DA)(DG)(DG)(DG)(DT)(DA)(DA)(DC)(DG)(DC)(DG)(DC)(DA)
(DA)(DC)(DT)(DG)(DT)(DT)(DG)(DG)(DG)(DA)(DA)(DG)
;
AY
26 'polydeoxyribonucleotide'
;(DG)(DA)(DT)(DA)(DA)(DA)(DT)(DT)(DC)(DA)(DG)(DG)(DA)(DG)(DT)(DG)(DT)(DG)(DT)(DA)
(DA)(DA)(DA)(DC)(DA)(DC)(DG)(DG)(DT)(DG)(DT)(DA)(DC)(DA)(DG)(DA)(DC)(DC)(DA)(DG)
(DA)(DT)(DC)(DT)(DT)(DG)(DA)(DC)
;
AZ
27 'polydeoxyribonucleotide'
;(DA)(DG)(DA)(DG)(DG)(DG)(DT)(DA)(DG)(DT)(DA)(DC)(DC)(DC)(DC)(DG)(DG)(DA)(DT)(DT)
(DG)(DT)(DA)(DT)(DA)(DT)(DT)(DA)(DA)(DA)(DT)(DT)(DT)(DT)(DT)(DG)(DT)(DT)(DA)(DA)
;
Aa
28 'polydeoxyribonucleotide'
;(DA)(DG)(DG)(DT)(DT)(DG)(DA)(DG)(DA)(DG)(DA)(DG)(DC)(DC)(DG)(DC)(DC)(DG)(DC)(DC)
(DA)(DG)(DC)(DA)(DT)(DG)(DA)(DG)(DA)(DG)(DA)(DT)(DC)(DT)(DT)(DT)(DC)(DA)(DG)(DA)
(DC)(DG)(DT)(DC)(DA)(DT)(DA)(DC)
;
Ab
29 'polydeoxyribonucleotide'
;(DC)(DA)(DC)(DC)(DA)(DT)(DC)(DA)(DA)(DA)(DA)(DT)(DA)(DT)(DC)(DG)(DT)(DG)(DA)(DC)
(DT)(DA)(DT)(DT)(DA)(DT)(DT)(DA)(DT)(DA)(DC)(DC)(DA)(DA)(DG)(DC)(DG)(DC)(DG)(DA)
;
Ac
30 'polydeoxyribonucleotide'
;(DC)(DC)(DG)(DG)(DA)(DG)(DA)(DC)(DA)(DA)(DC)(DA)(DG)(DG)(DA)(DA)(DG)(DT)(DT)(DG)
(DA)(DT)(DA)(DA)(DA)(DG)(DC)(DA)(DT)(DG)(DT)(DC)(DA)(DA)(DT)(DC)(DA)(DT)(DA)(DT)
(DG)(DA)(DG)(DA)(DG)(DT)(DC)(DT)(DT)(DT)(DT)(DT)(DT)
;
Ad
31 'polydeoxyribonucleotide'
;(DC)(DG)(DG)(DA)(DT)(DA)(DA)(DG)(DT)(DG)(DC)(DC)(DG)(DT)(DC)(DG)(DT)(DT)(DG)(DA)
(DC)(DA)(DG)(DG)(DC)(DC)(DA)(DG)(DT)(DA)(DA)(DG)(DG)(DG)(DT)(DG)(DG)(DA)(DG)(DC)
;
Ae
32 'polydeoxyribonucleotide'
;(DT)(DT)(DA)(DG)(DG)(DA)(DT)(DT)(DA)(DG)(DC)(DG)(DG)(DG)(DG)(DT)(DG)(DC)(DC)(DT)
(DT)(DG)(DA)(DT)(DG)(DA)(DA)(DT)(DG)(DG)(DA)(DA)
;
Af
33 'polydeoxyribonucleotide'
;(DT)(DT)(DT)(DT)(DT)(DC)(DT)(DC)(DC)(DT)(DC)(DA)(DA)(DT)(DA)(DT)(DT)(DC)(DT)(DG)
(DA)(DA)(DA)(DC)(DA)(DT)(DT)(DT)(DT)(DT)(DT)(DT)(DG)(DA)(DA)(DA)(DG)(DT)(DA)(DT)
(DT)(DA)(DA)(DG)(DA)(DT)(DT)(DG)(DC)(DC)(DA)(DT)(DC)(DT)(DT)(DT)(DT)(DT)
;
Ag
34 'polydeoxyribonucleotide'
;(DT)(DT)(DT)(DT)(DA)(DG)(DA)(DG)(DG)(DT)(DC)(DA)(DC)(DG)(DG)(DA)(DT)(DT)(DG)(DC)
(DA)(DT)(DC)(DA)(DA)(DT)(DT)(DT)(DT)(DT)(DT)(DT)(DT)(DT)(DT)(DA)(DA)(DA)(DG)(DA)
(DT)(DT)(DA)(DA)(DG)(DA)(DG)(DG)(DA)(DC)(DG)(DG)(DA)(DA)(DC)(DA)(DT)(DT)(DT)(DT)
;
Ah
35 'polydeoxyribonucleotide'
;(DT)(DT)(DT)(DT)(DT)(DG)(DC)(DG)(DA)(DT)(DT)(DG)(DC)(DT)(DC)(DC)(DG)(DG)(DC)(DG)
(DC)(DA)(DT)(DC)(DC)(DG)(DA)(DC)(DA)(DG)(DT)(DA)(DG)(DC)(DT)(DT)(DC)(DT)(DG)(DG)
(DT)(DG)(DC)(DC)(DG)(DG)(DA)(DA)
;
Ai
36 'polydeoxyribonucleotide'
;(DA)(DT)(DT)(DT)(DC)(DA)(DA)(DC)(DT)(DA)(DC)(DA)(DT)(DT)(DT)(DC)(DA)(DA)(DT)(DT)
(DC)(DG)(DC)(DG)(DT)(DC)(DT)(DG)(DG)(DC)(DC)(DT)(DG)(DC)(DC)(DC)(DC)(DA)(DA)(DA)
(DA)(DG)(DT)(DC)(DA)(DA)(DA)(DT)
;
Aj
37 'polydeoxyribonucleotide'
;(DA)(DA)(DG)(DC)(DC)(DT)(DT)(DT)(DG)(DA)(DC)(DC)(DC)(DT)(DG)(DT)(DA)(DA)(DA)(DT)
(DC)(DA)(DT)(DA)(DC)(DA)(DG)(DG)(DC)(DA)(DA)(DG)
;
Ak
38 'polydeoxyribonucleotide'
;(DT)(DA)(DC)(DA)(DA)(DA)(DC)(DT)(DA)(DT)(DA)(DG)(DT)(DT)(DA)(DG)(DC)(DG)(DT)(DA)
(DA)(DC)(DG)(DA)(DT)(DT)(DG)(DA)(DA)(DA)(DA)(DT)(DG)(DC)(DC)(DG)(DC)(DT)(DT)(DT)
(DA)(DT)(DG)(DA)(DC)(DA)(DA)(DC)
;
Al
39 'polydeoxyribonucleotide'
;(DT)(DT)(DT)(DT)(DT)(DA)(DT)(DA)(DG)(DG)(DA)(DA)(DC)(DG)(DC)(DC)(DA)(DC)(DC)(DA)
(DC)(DC)(DC)(DT)(DC)(DA)(DT)(DT)(DT)(DT)(DT)(DT)(DT)(DT)(DT)(DT)(DC)(DA)(DG)(DG)
(DG)(DA)(DT)(DA)(DG)(DG)(DG)(DC)(DA)(DT)(DT)(DT)(DT)(DT)(DT)(DT)(DT)(DT)
;
Am
40 'polydeoxyribonucleotide'
;(DT)(DT)(DT)(DT)(DA)(DT)(DT)(DG)(DC)(DT)(DG)(DA)(DA)(DA)(DA)(DA)(DT)(DA)(DG)(DC)
(DG)(DA)(DG)(DA)(DG)(DT)(DT)(DT)(DT)(DT)(DT)(DT)(DT)(DT)(DT)(DG)(DC)(DT)(DT)(DT)
(DT)(DG)(DC)(DA)(DA)(DA)(DA)(DG)(DG)(DA)(DC)(DG)(DA)(DC)(DG)(DA)(DT)(DT)(DT)(DT)
;
An
41 'polydeoxyribonucleotide'
;(DT)(DT)(DT)(DT)(DC)(DT)(DA)(DA)(DA)(DG)(DG)(DA)(DA)(DC)(DA)(DG)(DT)(DT)(DT)(DC)
(DA)(DG)(DC)(DG)(DG)(DT)(DT)(DT)(DT)(DT)(DT)(DA)(DG)(DT)(DG)(DA)(DG)(DA)(DA)(DT)
(DA)(DG)(DA)(DA)(DC)(DC)(DT)(DT)(DT)(DA)(DG)(DC)(DT)(DT)(DT)(DT)(DT)
;
Ao
42 'polydeoxyribonucleotide'
;(DT)(DT)(DT)(DT)(DA)(DG)(DC)(DC)(DT)(DT)(DT)(DA)(DT)(DA)(DA)(DC)(DC)(DG)(DA)(DT)
(DA)(DT)(DA)(DT)(DT)(DT)(DT)(DT)(DT)(DT)(DT)(DT)(DT)(DT)(DT)(DC)(DG)(DG)(DT)(DC)
(DG)(DC)(DT)(DG)(DA)(DG)(DG)(DC)(DG)(DT)(DC)(DT)(DG)(DG)(DT)(DC)(DT)(DT)(DT)(DT)
;
Ap
43 'polydeoxyribonucleotide'
;(DA)(DG)(DC)(DT)(DT)(DG)(DC)(DT)(DT)(DT)(DC)(DG)(DA)(DG)(DG)(DT)(DC)(DG)(DC)(DC)
(DG)(DA)(DC)(DA)(DT)(DG)(DG)(DG)(DA)(DT)(DT)(DT)(DT)(DG)(DC)(DC)(DG)(DG)(DA)(DC)
(DA)(DG)(DA)(DG)(DC)(DA)(DC)(DA)
;
Aq
44 'polydeoxyribonucleotide'
;(DC)(DC)(DC)(DA)(DC)(DG)(DC)(DA)(DA)(DT)(DT)(DG)(DT)(DA)(DT)(DC)(DA)(DA)(DA)(DA)
(DG)(DG)(DC)(DT)(DC)(DC)(DA)(DA)(DA)(DA)(DG)(DG)(DT)(DT)(DT)(DT)(DT)
;
Ar
45 'polydeoxyribonucleotide'
;(DG)(DA)(DT)(DA)(DG)(DT)(DT)(DG)(DG)(DA)(DA)(DT)(DT)(DT)(DC)(DT)(DT)(DA)(DA)(DT)
(DA)(DA)(DT)(DT)(DT)(DT)(DT)(DT)(DC)(DA)(DC)(DG)(DT)(DC)(DT)(DA)(DA)(DA)(DG)(DT)
;
As
46 'polydeoxyribonucleotide'
;(DT)(DG)(DC)(DT)(DA)(DA)(DA)(DC)(DA)(DA)(DC)(DT)(DT)(DT)(DC)(DA)(DA)(DT)(DT)(DG)
(DC)(DG)(DA)(DA)(DT)(DA)(DA)(DA)(DC)(DA)(DG)(DC)(DA)(DG)(DG)(DA)(DA)(DC)(DA)(DA)
(DT)(DT)(DT)(DT)
;
At
47 'polydeoxyribonucleotide'
;(DG)(DC)(DT)(DT)(DT)(DG)(DA)(DG)(DT)(DA)(DA)(DA)(DC)(DG)(DG)(DG)(DT)(DA)(DA)(DA)
(DA)(DT)(DA)(DC)(DC)(DG)(DC)(DC)(DA)(DA)(DA)(DA)(DC)(DA)(DT)(DT)(DC)(DA)(DA)(DC)
;
Au
48 'polydeoxyribonucleotide'
;(DT)(DC)(DA)(DG)(DC)(DA)(DG)(DC)(DC)(DA)(DG)(DC)(DC)(DC)(DT)(DC)(DA)(DC)(DA)(DA)
(DC)(DG)(DC)(DC)(DT)(DG)(DT)(DA)(DG)(DC)(DA)(DT)(DA)(DG)(DA)(DG)(DG)(DG)(DT)(DT)
;
Av
49 'polydeoxyribonucleotide'
;(DT)(DT)(DT)(DC)(DT)(DG)(DT)(DA)(DA)(DC)(DC)(DC)(DT)(DC)(DA)(DG)(DG)(DT)(DT)(DA)
(DA)(DA)(DC)(DG)(DA)(DT)(DG)(DC)(DT)(DG)(DA)(DT)(DC)(DA)(DG)(DA)(DT)(DG)(DC)(DC)
(DT)(DT)(DG)(DC)(DC)(DC)(DT)(DG)(DT)(DT)(DA)(DC)(DC)(DA)(DG)(DA)
;
Aw
50 'polydeoxyribonucleotide'
;(DA)(DA)(DA)(DT)(DG)(DA)(DA)(DT)(DT)(DT)(DT)(DG)(DT)(DC)(DG)(DT)(DC)(DG)(DT)(DA)
(DA)(DC)(DA)(DC)(DT)(DG)(DA)(DG)(DT)(DT)(DT)(DC)(DT)(DG)(DT)(DA)(DT)(DC)(DA)(DC)
;
Ax
51 'polydeoxyribonucleotide'
;(DC)(DC)(DA)(DG)(DA)(DG)(DG)(DG)(DT)(DT)(DA)(DG)(DA)(DA)(DC)(DC)(DT)(DA)(DA)(DA)
(DG)(DC)(DT)(DA)(DA)(DT)(DT)(DA)(DA)(DG)(DC)(DA)(DA)(DT)(DA)(DA)(DA)(DG)(DC)(DC)
(DG)(DT)(DA)(DC)(DG)(DG)(DT)(DG)
;
Ay
52 'polydeoxyribonucleotide'
;(DA)(DA)(DC)(DC)(DG)(DC)(DC)(DA)(DC)(DC)(DC)(DT)(DC)(DA)(DG)(DA)(DC)(DC)(DA)(DT)
(DG)(DT)(DA)(DC)(DC)(DT)(DT)(DT)(DC)(DC)(DA)(DG)(DC)(DA)(DA)(DG)(DC)(DC)(DC)(DA)
(DT)(DT)(DT)(DT)(DT)
;
Az
53 'polydeoxyribonucleotide'
;(DC)(DT)(DT)(DT)(DA)(DC)(DC)(DC)(DT)(DA)(DC)(DT)(DG)(DG)(DT)(DA)(DA)(DA)(DT)(DC)
(DC)(DG)(DC)(DG)(DA)(DC)(DC)(DT)(DG)(DC)(DT)(DC)
;
A0
54 'polydeoxyribonucleotide'
;(DA)(DA)(DA)(DC)(DG)(DA)(DG)(DA)(DT)(DT)(DG)(DA)(DG)(DT)(DA)(DA)(DA)(DC)(DA)(DT)
(DC)(DG)(DA)(DC)(DG)(DG)(DA)(DT)(DA)(DG)(DC)(DT)(DA)(DT)(DA)(DC)(DC)(DG)(DG)(DG)
(DG)(DG)(DT)(DT)(DT)(DC)(DT)(DG)
;
A1
55 'polydeoxyribonucleotide'
;(DG)(DA)(DA)(DC)(DC)(DG)(DC)(DC)(DC)(DC)(DC)(DC)(DC)(DT)(DG)(DC)(DC)(DT)(DC)(DA)
(DT)(DT)(DT)(DG)(DC)(DC)(DG)(DC)(DC)(DA)(DG)(DC)(DC)(DG)(DG)(DC)(DC)(DA)(DG)(DA)
(DG)(DG)(DG)(DT)(DT)(DA)(DC)(DC)
;
A2
56 'polydeoxyribonucleotide'
;(DG)(DT)(DA)(DT)(DA)(DA)(DA)(DC)(DG)(DT)(DA)(DC)(DC)(DA)(DG)(DG)(DT)(DA)(DT)(DA)
(DG)(DC)(DC)(DC)(DG)(DG)(DA)(DA)(DT)(DA)(DG)(DG)(DG)(DT)(DC)(DA)(DC)(DC)(DA)(DG)
(DG)(DA)(DA)(DT)(DC)(DC)(DC)(DC)(DT)(DG)(DC)(DG)(DG)(DG)(DA)(DT)
;
A3
57 'polydeoxyribonucleotide'
;(DC)(DT)(DA)(DT)(DT)(DT)(DC)(DG)(DG)(DA)(DA)(DC)(DC)(DT)(DA)(DT)(DG)(DA)(DG)(DA)
(DA)(DG)(DG)(DA)(DG)(DG)(DA)(DG)(DG)(DT)(DT)(DT)(DG)(DG)(DC)(DT)(DG)(DA)(DG)(DA)
(DT)(DT)(DT)(DT)(DT)
;
A4
58 'polydeoxyribonucleotide'
;(DT)(DG)(DA)(DT)(DG)(DA)(DT)(DA)(DA)(DA)(DT)(DG)(DC)(DC)(DG)(DG)(DG)(DA)(DA)(DA)
(DG)(DG)(DG)(DG)(DC)(DT)(DC)(DT)(DT)(DC)(DG)(DC)(DT)(DA)(DT)(DT)(DA)(DC)(DG)(DC)
(DC)(DA)(DA)(DG)(DA)(DG)(DA)(DA)
;
A5
59 'polydeoxyribonucleotide'
;(DA)(DT)(DG)(DG)(DC)(DT)(DT)(DT)(DT)(DA)(DA)(DC)(DG)(DG)(DG)(DG)(DT)(DC)(DA)(DG)
(DT)(DG)(DC)(DC)(DA)(DT)(DG)(DA)(DC)(DC)(DA)(DT)
;
A6
60 'polydeoxyribonucleotide'
;(DT)(DA)(DA)(DA)(DG)(DC)(DC)(DA)(DA)(DT)(DT)(DC)(DA)(DC)(DA)(DA)(DC)(DC)(DA)(DC)
(DC)(DC)(DT)(DC)(DA)(DG)(DA)(DG)(DC)(DC)(DG)(DC)
;
A7
61 'polydeoxyribonucleotide'
;(DC)(DA)(DC)(DG)(DA)(DC)(DG)(DT)(DC)(DG)(DT)(DT)(DT)(DT)(DA)(DA)(DA)(DA)(DC)(DG)
(DA)(DG)(DG)(DC)(DG)(DC)(DA)(DG)(DA)(DC)(DG)(DG)
;
A8
62 'polydeoxyribonucleotide'
;(DC)(DG)(DG)(DA)(DA)(DA)(DC)(DA)(DT)(DC)(DC)(DC)(DG)(DG)(DA)(DA)(DT)(DT)(DT)(DG)
(DT)(DG)(DA)(DG)(DG)(DG)(DA)(DT)(DC)(DC)(DC)(DC)(DA)(DT)(DG)(DC)(DG)(DG)(DC)(DG)
(DA)(DA)(DA)(DG)(DA)(DA)(DA)(DC)
;
A9
63 'polydeoxyribonucleotide'
;(DA)(DT)(DC)(DG)(DG)(DC)(DG)(DA)(DA)(DA)(DC)(DG)(DT)(DA)(DC)(DA)(DC)(DA)(DG)(DA)
(DG)(DC)(DC)(DA)(DA)(DC)(DA)(DA)(DA)(DT)(DA)(DA)(DT)(DC)(DA)(DG)(DA)(DA)(DC)(DC)
(DT)(DT)(DT)(DT)(DT)
;
BA
64 'polydeoxyribonucleotide'
;(DA)(DC)(DA)(DG)(DA)(DT)(DG)(DA)(DG)(DA)(DC)(DG)(DG)(DC)(DC)(DA)(DG)(DT)(DG)(DC)
(DC)(DA)(DA)(DG)(DC)(DA)(DG)(DC)(DT)(DG)(DG)(DC)
;
BB
65 'polydeoxyribonucleotide'
;(DT)(DG)(DG)(DT)(DG)(DA)(DA)(DG)(DC)(DC)(DA)(DA)(DC)(DT)(DT)(DT)(DT)(DT)(DC)(DT)
(DT)(DC)(DG)(DC)(DG)(DT)(DC)(DC)(DG)(DT)(DG)(DA)(DC)(DA)(DC)(DA)(DC)(DA)(DA)(DC)
(DT)(DT)(DT)(DT)(DT)
;
BC
66 'polydeoxyribonucleotide'
;(DT)(DT)(DT)(DT)(DT)(DA)(DC)(DC)(DA)(DC)(DC)(DG)(DG)(DT)(DA)(DG)(DA)(DA)(DA)(DA)
(DT)(DT)(DC)(DA)(DT)(DA)(DT)(DT)(DT)(DT)(DT)(DT)(DT)(DG)(DG)(DT)(DT)(DT)(DA)(DC)
(DC)(DA)(DG)(DC)(DG)(DA)(DT)(DT)(DT)(DT)(DG)(DT)(DC)(DT)(DT)(DT)(DT)
;
BD
67 'polydeoxyribonucleotide'
;(DT)(DT)(DT)(DT)(DT)(DA)(DG)(DT)(DA)(DA)(DA)(DT)(DT)(DA)(DA)(DG)(DG)(DC)(DT)(DT)
(DG)(DC)(DC)(DC)(DT)(DG)(DT)(DT)(DT)(DT)(DT)(DT)(DT)(DT)(DT)(DT)(DA)(DC)(DG)(DA)
(DG)(DA)(DA)(DA)(DC)(DA)(DC)(DC)(DA)(DA)(DC)(DC)(DT)(DT)(DC)(DA)(DT)
;
BE
68 'polydeoxyribonucleotide'
;(DC)(DG)(DA)(DA)(DC)(DT)(DG)(DA)(DT)(DC)(DA)(DT)(DC)(DG)(DC)(DC)(DG)(DT)(DC)(DA)
(DC)(DT)(DG)(DC)(DG)(DC)(DG)(DC)(DC)(DT)(DG)(DT)(DA)(DA)(DA)(DG)(DC)(DC)(DT)(DG)
(DT)(DT)(DT)(DT)(DT)
;
BF
69 'polydeoxyribonucleotide'
;(DA)(DT)(DC)(DA)(DA)(DA)(DA)(DT)(DA)(DT)(DT)(DA)(DG)(DC)(DG)(DT)(DA)(DG)(DT)(DA)
(DC)(DC)(DG)(DC)(DC)(DA)(DC)(DC)(DC)(DT)(DC)(DA)(DC)(DG)(DT)(DA)(DC)(DT)(DC)(DA)
;
BG
70 'polydeoxyribonucleotide'
;(DT)(DT)(DT)(DT)(DT)(DT)(DT)(DT)(DT)(DC)(DA)(DT)(DA)(DT)(DA)(DT)(DT)(DG)(DA)(DC)
(DG)(DG)(DA)(DA)(DA)(DT)(DT)(DT)(DT)(DT)(DT)(DT)(DT)(DA)(DT)(DT)(DC)(DA)(DT)(DT)
(DA)(DA)(DA)(DG)(DG)(DG)(DA)(DC)(DT)(DC)(DC)(DT)(DT)(DT)(DT)(DT)(DT)
;
BH
71 'polydeoxyribonucleotide'
;(DT)(DT)(DT)(DT)(DT)(DA)(DC)(DA)(DT)(DT)(DA)(DT)(DT)(DA)(DA)(DA)(DA)(DT)(DC)(DT)
(DA)(DC)(DG)(DT)(DT)(DA)(DT)(DT)(DT)(DT)(DT)(DT)(DT)(DT)(DT)(DT)(DA)(DT)(DA)(DA)
(DA)(DA)(DC)(DG)(DA)(DA)(DC)(DT)(DA)(DA)(DA)(DT)(DT)(DT)(DC)(DA)(DA)
;
BI
72 'polydeoxyribonucleotide'
;(DG)(DA)(DT)(DT)(DT)(DG)(DT)(DA)(DC)(DC)(DT)(DA)(DA)(DA)(DA)(DC)(DC)(DA)(DC)(DT)
(DG)(DG)(DT)(DG)(DT)(DG)(DT)(DT)(DC)(DA)(DG)(DC)(DT)(DA)(DA)(DT)(DG)(DA)(DA)(DT)
(DT)(DT)(DT)(DT)(DT)
;
BJ
73 'polydeoxyribonucleotide'
;(DC)(DG)(DC)(DA)(DC)(DA)(DG)(DG)(DC)(DG)(DG)(DC)(DC)(DT)(DT)(DT)(DA)(DG)(DT)(DG)
(DA)(DT)(DG)(DA)(DA)(DA)(DT)(DT)(DT)(DC)(DT)(DG)
;
BK
74 'polydeoxyribonucleotide'
;(DT)(DC)(DT)(DT)(DT)(DG)(DA)(DC)(DG)(DT)(DT)(DT)(DC)(DC)(DA)(DT)(DG)(DA)(DC)(DT)
(DA)(DA)(DA)(DG)(DA)(DC)(DT)(DT)(DT)(DT)(DT)(DC)(DT)(DC)(DA)(DG)(DA)(DG)(DC)(DA)
(DG)(DA)(DT)(DG)(DG)(DC)(DT)(DT)(DT)(DG)(DC)(DG)(DA)(DA)(DC)(DG)
;
BL
75 'polydeoxyribonucleotide'
;(DT)(DA)(DC)(DA)(DC)(DT)(DA)(DA)(DA)(DA)(DC)(DA)(DC)(DT)(DC)(DA)(DG)(DA)(DA)(DT)
(DA)(DC)(DC)(DA)(DG)(DG)(DA)(DA)(DT)(DT)(DA)(DC)
;
BM
76 'polydeoxyribonucleotide'
;(DG)(DA)(DA)(DA)(DG)(DA)(DG)(DG)(DA)(DC)(DT)(DA)(DC)(DG)(DA)(DA)(DA)(DC)(DG)(DA)
(DG)(DG)(DG)(DT)(DA)(DG)(DC)(DA)(DA)(DC)(DG)(DG)(DA)(DA)(DC)(DA)(DT)(DT)(DA)(DT)
;
BN
77 'polydeoxyribonucleotide'
;(DG)(DC)(DG)(DG)(DT)(DC)(DC)(DG)(DA)(DT)(DA)(DA)(DA)(DA)(DA)(DA)(DG)(DG)(DT)(DG)
(DC)(DC)(DC)(DC)(DC)(DT)(DG)(DC)(DA)(DT)(DC)(DA)(DG)(DA)(DC)(DG)(DA)(DT)(DC)(DC)
(DA)(DT)(DC)(DC)(DC)(DT)(DT)(DA)
;
BO
78 'polydeoxyribonucleotide'
;(DT)(DT)(DT)(DT)(DT)(DC)(DG)(DG)(DT)(DC)(DA)(DT)(DA)(DA)(DA)(DA)(DA)(DT)(DC)(DA)
(DC)(DC)(DA)(DG)(DT)(DA)(DT)(DT)(DT)(DT)(DT)(DT)(DG)(DC)(DA)(DC)(DC)(DA)(DT)(DT)
(DA)(DC)(DC)(DA)(DT)(DA)(DA)(DC)(DG)(DG)(DA)(DA)(DT)(DT)(DT)(DT)(DT)(DT)
;
BP
79 'polydeoxyribonucleotide'
;(DT)(DT)(DT)(DT)(DT)(DT)(DA)(DA)(DA)(DA)(DA)(DC)(DC)(DA)(DA)(DC)(DA)(DC)(DT)(DA)
(DT)(DC)(DA)(DT)(DA)(DA)(DT)(DT)(DT)(DT)(DT)(DT)(DT)(DT)(DT)(DT)(DC)(DC)(DC)(DT)
(DC)(DG)(DT)(DT)(DT)(DA)(DC)(DC)(DA)(DA)(DT)(DC)(DA)(DG)(DT)(DT)(DG)
;
BQ
80 'polydeoxyribonucleotide'
;(DG)(DT)(DA)(DA)(DT)(DG)(DC)(DC)(DC)(DA)(DA)(DA)(DA)(DG)(DA)(DA)(DT)(DT)(DA)(DG)
(DA)(DC)(DT)(DG)(DA)(DA)(DT)(DC)(DA)(DG)(DG)(DT)(DT)(DG)(DA)(DG)(DT)(DA)(DA)(DT)
(DG)(DT)(DG)(DT)(DA)(DG)(DG)(DT)
;
BR
81 'polydeoxyribonucleotide'
;(DG)(DG)(DC)(DA)(DC)(DC)(DA)(DA)(DT)(DT)(DT)(DT)(DT)(DT)(DC)(DG)(DA)(DA)(DG)(DG)
(DT)(DT)(DT)(DC)(DT)(DT)(DT)(DG)(DC)(DT)(DC)(DG)(DT)(DC)(DA)(DT)(DA)(DA)(DA)(DC)
(DA)(DT)(DA)(DC)(DA)(DT)(DA)(DA)
;
BS
82 'polydeoxyribonucleotide'
;(DT)(DC)(DT)(DC)(DG)(DT)(DC)(DG)(DC)(DT)(DG)(DG)(DC)(DA)(DG)(DC)(DC)(DG)(DT)(DC)
(DA)(DC)(DC)(DC)(DA)(DG)(DT)(DT)(DA)(DA)(DA)(DG)(DC)(DT)(DC)(DC)(DA)(DA)(DA)(DA)
(DG)(DG)(DT)(DT)(DT)(DA)(DT)(DC)
;
BT
83 'polydeoxyribonucleotide'
;(DC)(DT)(DC)(DC)(DG)(DG)(DC)(DC)(DT)(DT)(DG)(DT)(DA)(DG)(DA)(DA)(DG)(DG)(DT)(DC)
(DA)(DC)(DT)(DG)(DG)(DC)(DA)(DT)(DC)(DA)(DG)(DC)(DT)(DT)(DC)(DA)(DC)(DC)(DA)(DG)
(DT)(DG)(DA)(DG)(DA)(DC)(DG)(DG)
;
BU
84 'polydeoxyribonucleotide'
;(DT)(DT)(DT)(DT)(DT)(DG)(DT)(DC)(DA)(DG)(DA)(DC)(DT)(DA)(DA)(DT)(DC)(DA)(DG)(DT)
(DA)(DG)(DC)(DG)(DA)(DC)(DT)(DT)(DT)(DT)(DT)(DT)(DA)(DG)(DA)(DA)(DT)(DC)(DA)(DA)
(DG)(DT)(DT)(DT)(DG)(DG)(DA)(DA)(DA)(DT)(DA)(DG)(DC)(DT)(DT)(DT)(DT)(DT)
;
BV
85 'polydeoxyribonucleotide'
;(DT)(DT)(DT)(DT)(DA)(DG)(DC)(DA)(DG)(DC)(DA)(DA)(DC)(DT)(DT)(DT)(DC)(DG)(DC)(DA)
(DC)(DT)(DC)(DA)(DA)(DT)(DT)(DT)(DT)(DT)(DT)(DT)(DT)(DT)(DT)(DT)(DC)(DC)(DG)(DC)
(DC)(DG)(DG)(DG)(DC)(DG)(DC)(DG)(DT)(DT)(DT)(DG)(DC)(DG)(DT)(DA)(DT)(DT)(DT)(DT)
;
BW
86 'polydeoxyribonucleotide'
;(DG)(DG)(DC)(DA)(DG)(DC)(DA)(DC)(DC)(DG)(DT)(DC)(DG)(DG)(DT)(DG)(DG)(DG)(DT)(DG)
(DT)(DC)(DC)(DA)(DT)(DG)(DA)(DA)(DA)(DC)(DC)(DA)
;
BX
87 'polydeoxyribonucleotide'
;(DG)(DG)(DG)(DG)(DT)(DC)(DA)(DT)(DT)(DG)(DC)(DA)(DG)(DG)(DC)(DG)(DC)(DC)(DG)(DC)
(DA)(DA)(DG)(DA)(DT)(DG)(DG)(DT)(DG)(DC)(DT)(DG)(DT)(DT)(DG)(DC)(DA)(DG)(DG)(DG)
;
BY
88 'polydeoxyribonucleotide'
;(DG)(DT)(DT)(DG)(DC)(DG)(DG)(DT)(DA)(DT)(DG)(DA)(DG)(DC)(DC)(DG)(DC)(DG)(DT)(DC)
(DA)(DG)(DC)(DG)(DA)(DT)(DG)(DC)(DC)(DA)(DA)(DC)(DA)(DA)(DC)(DC)(DA)(DT)(DC)(DG)
;
BZ
89 'polydeoxyribonucleotide'
;(DG)(DA)(DG)(DG)(DC)(DA)(DT)(DA)(DG)(DT)(DA)(DA)(DG)(DA)(DG)(DC)(DA)(DT)(DG)(DA)
(DG)(DG)(DA)(DA)(DA)(DA)(DA)(DG)(DA)(DT)(DT)(DC)(DA)(DA)(DG)(DT)(DT)(DT)(DT)(DG)
(DA)(DA)(DG)(DC)(DA)(DA)(DA)(DG)
;
Ba
90 'polydeoxyribonucleotide'
;(DG)(DT)(DC)(DA)(DC)(DC)(DA)(DA)(DA)(DG)(DC)(DC)(DA)(DT)(DT)(DT)(DT)(DC)(DC)(DA)
(DG)(DT)(DC)(DG)(DG)(DG)(DA)(DA)(DA)(DC)(DC)(DT)(DC)(DC)(DG)(DT)(DC)(DT)(DA)(DT)
(DT)(DA)(DG)(DC)(DC)(DC)(DG)(DA)
;
Bb
91 'polydeoxyribonucleotide'
;(DT)(DA)(DG)(DC)(DA)(DA)(DG)(DG)(DC)(DC)(DG)(DG)(DA)(DA)(DA)(DC)(DT)(DC)(DC)(DT)
(DC)(DA)(DT)(DA)(DA)(DG)(DG)(DG)(DT)(DA)(DA)(DA)
;
Bc
92 'polydeoxyribonucleotide'
;(DT)(DA)(DA)(DT)(DG)(DC)(DA)(DG)(DT)(DA)(DA)(DG)(DA)(DA)(DC)(DT)(DA)(DA)(DC)(DA)
(DA)(DA)(DG)(DT)(DA)(DC)(DA)(DA)(DC)(DG)(DG)(DA)(DA)(DA)(DA)(DT)(DC)(DA)(DA)(DA)
(DG)(DA)(DT)(DA)(DG)(DC)(DG)(DT)
;
Bd
93 'polydeoxyribonucleotide'
;(DA)(DA)(DA)(DT)(DC)(DG)(DT)(DT)(DG)(DC)(DG)(DG)(DT)(DG)(DC)(DC)(DA)(DT)(DC)(DC)
(DC)(DG)(DT)(DA)(DA)(DA)(DA)(DA)(DA)(DA)(DG)(DC)(DC)(DT)(DT)(DT)(DA)(DA)(DA)(DC)
(DT)(DA)(DT)(DT)(DC)(DA)(DT)(DT)
;
Be
94 'polydeoxyribonucleotide'
;(DA)(DA)(DC)(DG)(DG)(DC)(DA)(DT)(DT)(DG)(DC)(DC)(DG)(DT)(DT)(DC)(DC)(DG)(DG)(DC)
(DA)(DA)(DA)(DC)(DG)(DT)(DC)(DA)(DT)(DA)(DA)(DA)(DA)(DG)(DT)(DT)(DC)(DA)(DG)(DA)
(DG)(DA)(DT)(DA)(DT)(DA)(DA)(DG)
;
Bf
95 'polydeoxyribonucleotide'
;(DG)(DG)(DG)(DA)(DA)(DT)(DT)(DA)(DG)(DA)(DG)(DC)(DC)(DA)(DG)(DC)(DG)(DC)(DC)(DC)
(DC)(DC)(DT)(DT)(DT)(DT)(DT)(DT)(DC)(DA)(DT)(DC)(DA)(DC)(DG)(DT)(DT)(DA)(DG)(DT)
;
Bg
96 'polydeoxyribonucleotide'
;(DT)(DG)(DG)(DG)(DA)(DA)(DG)(DA)(DA)(DC)(DA)(DG)(DG)(DT)(DA)(DG)(DG)(DA)(DT)(DG)
(DG)(DT)(DT)(DT)(DA)(DA)(DG)(DC)(DC)(DC)(DG)(DA)(DA)(DA)(DG)(DA)(DC)(DT)(DT)(DC)
(DA)(DT)(DA)(DT)(DG)(DA)(DT)(DA)(DC)(DT)(DC)(DA)(DT)(DA)(DT)(DA)
;
Bh
97 'polydeoxyribonucleotide'
;(DG)(DG)(DC)(DT)(DC)(DA)(DT)(DT)(DT)(DT)(DA)(DC)(DC)(DT)(DT)(DA)(DT)(DG)(DC)(DG)
(DA)(DT)(DT)(DT)(DT)(DT)(DA)(DC)(DC)(DC)(DA)(DA)(DT)(DC)(DA)(DA)(DT)(DC)(DA)(DT)
;
Bi
98 'polydeoxyribonucleotide'
;(DC)(DC)(DG)(DA)(DC)(DT)(DT)(DG)(DA)(DC)(DC)(DG)(DA)(DT)(DT)(DG)(DA)(DG)(DA)(DA)
(DA)(DA)(DT)(DA)(DC)(DA)(DT)(DA)(DC)(DA)(DT)(DA)
;
Bj
99 'polydeoxyribonucleotide'
;(DA)(DT)(DT)(DG)(DT)(DG)(DA)(DA)(DA)(DT)(DA)(DC)(DC)(DA)(DG)(DT)(DC)(DA)(DG)(DG)
(DA)(DC)(DG)(DT)(DA)(DG)(DA)(DT)(DT)(DT)(DA)(DG)
;
Bk
100 'polydeoxyribonucleotide'
;(DG)(DC)(DA)(DC)(DT)(DC)(DT)(DG)(DT)(DC)(DA)(DC)(DG)(DG)(DT)(DC)(DC)(DT)(DC)(DA)
(DC)(DG)(DG)(DA)(DT)(DT)(DT)(DC)(DT)(DC)(DC)(DG)(DC)(DG)(DC)(DC)(DA)(DC)(DG)(DG)
(DG)(DA)(DA)(DC)(DG)(DG)(DA)(DT)
;
Bl
101 'polydeoxyribonucleotide'
;(DC)(DA)(DG)(DT)(DG)(DA)(DA)(DT)(DG)(DG)(DG)(DC)(DT)(DT)(DG)(DA)(DG)(DC)(DT)(DG)
(DG)(DC)(DT)(DG)(DC)(DC)(DA)(DG)(DG)(DG)(DT)(DT)(DT)(DT)(DC)(DC)(DC)(DA)(DG)(DT)
(DA)(DT)(DT)(DA)(DA)(DG)(DT)(DT)(DT)(DT)(DC)(DA)(DA)(DC)(DC)(DG)
;
Bm
102 'polydeoxyribonucleotide'
;(DA)(DA)(DC)(DA)(DA)(DA)(DG)(DC)(DT)(DG)(DC)(DT)(DC)(DA)(DT)(DT)(DC)(DT)(DT)(DT)
(DA)(DA)(DT)(DC)(DC)(DA)(DT)(DG)(DT)(DT)(DA)(DC)(DC)(DC)(DC)(DC)(DA)(DG)(DC)(DG)
(DA)(DT)(DA)(DG)(DT)(DC)(DA)(DG)
;
Bn
103 'polydeoxyribonucleotide'
;(DA)(DT)(DC)(DA)(DA)(DC)(DG)(DT)(DA)(DA)(DG)(DA)(DA)(DC)(DC)(DG)(DG)(DA)(DT)(DA)
(DT)(DT)(DC)(DA)(DC)(DG)(DT)(DG)(DC)(DC)(DT)(DG)(DG)(DA)(DA)(DA)(DG)(DA)(DG)(DG)
(DA)(DA)(DG)(DG)(DG)(DA)(DA)(DC)
;
Bo
104 'polydeoxyribonucleotide'
;(DC)(DC)(DA)(DG)(DC)(DA)(DC)(DG)(DA)(DG)(DC)(DG)(DC)(DA)(DG)(DT)(DT)(DG)(DA)(DT)
(DA)(DA)(DA)(DT)(DT)(DG)(DT)(DG)(DT)(DC)(DG)(DA)(DA)(DT)(DA)(DA)(DG)(DT)(DT)(DT)
;
Bp
105 'polydeoxyribonucleotide'
;(DG)(DG)(DC)(DC)(DG)(DT)(DT)(DT)(DT)(DG)(DG)(DT)(DG)(DC)(DT)(DG)(DA)(DG)(DT)(DT)
(DG)(DG)(DG)(DC)(DG)(DG)(DT)(DT)(DG)(DT)(DG)(DT)(DC)(DA)(DG)(DT)(DG)(DC)(DC)(DC)
(DT)(DT)(DA)(DC)(DC)(DG)(DT)(DT)
;
Bq
106 'polydeoxyribonucleotide'
;(DG)(DA)(DC)(DA)(DT)(DT)(DC)(DA)(DG)(DG)(DG)(DT)(DA)(DC)(DC)(DG)(DT)(DC)(DC)(DT)
(DG)(DT)(DG)(DT)(DG)(DA)(DA)(DA)(DT)(DT)(DG)(DT)(DG)(DG)(DA)(DA)(DG)(DG)(DG)(DA)
(DT)(DC)(DG)(DG)(DA)(DA)(DC)(DC)
;
Br
107 'polydeoxyribonucleotide'
;(DC)(DC)(DA)(DA)(DA)(DG)(DA)(DC)(DA)(DA)(DA)(DA)(DG)(DG)(DG)(DC)(DC)(DA)(DA)(DA)
(DC)(DT)(DT)(DA)(DT)(DT)(DT)(DA)(DC)(DC)(DA)(DG)
;
Bs
108 'polydeoxyribonucleotide'
;(DC)(DA)(DA)(DG)(DA)(DG)(DT)(DA)(DG)(DC)(DG)(DC)(DA)(DT)(DA)(DG)(DT)(DT)(DA)(DG)
(DC)(DC)(DG)(DG)(DT)(DT)(DC)(DG)(DA)(DG)(DC)(DT)(DT)(DC)(DA)(DA)(DA)(DG)(DC)(DG)
;
Bt
109 'polydeoxyribonucleotide'
;(DG)(DC)(DC)(DT)(DC)(DC)(DT)(DC)(DA)(DC)(DA)(DG)(DT)(DT)(DG)(DA)(DA)(DG)(DA)(DT)
(DA)(DG)(DA)(DC)(DA)(DA)(DA)(DA)(DG)(DA)(DG)(DA)(DC)(DT)(DC)(DT)(DG)(DA)(DA)(DT)
;
Bu
110 'polydeoxyribonucleotide'
;(DA)(DG)(DC)(DT)(DC)(DG)(DA)(DA)(DT)(DT)(DC)(DG)(DT)(DA)(DA)(DT)(DG)(DC)(DG)(DC)
(DC)(DA)(DT)(DG)(DC)(DA)(DC)(DC)(DG)(DG)(DA)(DA)(DA)(DT)(DC)(DC)(DT)(DC)(DA)(DT)
;
Bv
111 'polydeoxyribonucleotide'
;(DT)(DT)(DT)(DA)(DC)(DA)(DA)(DT)(DC)(DA)(DA)(DT)(DA)(DA)(DT)(DT)(DT)(DG)(DC)(DC)
(DA)(DG)(DT)(DT)(DT)(DT)(DT)(DT)(DT)(DT)(DT)(DT)(DT)(DT)(DA)(DC)(DA)(DA)(DA)(DA)
(DT)(DA)(DA)(DA)(DC)(DA)(DG)(DG)(DC)(DG)(DT)(DC)(DT)(DT)(DT)(DT)(DT)(DT)(DT)(DT)
;
Bw
112 'polydeoxyribonucleotide'
;(DT)(DT)(DT)(DT)(DT)(DA)(DT)(DA)(DC)(DG)(DA)(DG)(DC)(DA)(DT)(DT)(DT)(DA)(DG)(DA)
(DG)(DA)(DA)(DA)(DG)(DC)(DC)(DG)(DG)(DC)(DC)(DG)(DC)(DG)(DC)(DT)(DT)(DA)(DA)(DT)
(DG)(DC)(DG)(DC)(DC)
;
Bx
113 'polydeoxyribonucleotide'
;(DG)(DC)(DA)(DA)(DA)(DG)(DA)(DC)(DA)(DA)(DT)(DC)(DC)(DA)(DA)(DA)(DA)(DG)(DA)(DA)
(DA)(DG)(DC)(DG)(DA)(DG)(DC)(DG)(DG)(DT)(DC)(DA)(DC)(DG)(DC)(DT)(DG)(DC)(DG)(DC)
;
By
114 'polydeoxyribonucleotide'
;(DG)(DT)(DA)(DT)(DG)(DT)(DT)(DA)(DA)(DT)(DG)(DA)(DT)(DT)(DA)(DA)(DT)(DG)(DA)(DA)
(DT)(DT)(DA)(DT)(DC)(DA)(DC)(DC)(DG)(DT)(DC)(DA)
;
Bz
115 'polydeoxyribonucleotide'
;(DT)(DT)(DT)(DA)(DT)(DT)(DA)(DC)(DG)(DC)(DA)(DT)(DC)(DA)(DA)(DA)(DA)(DA)(DT)(DG)
(DA)(DA)(DA)(DA)(DT)(DT)(DT)(DT)(DT)(DT)(DT)(DT)(DT)(DT)(DT)(DA)(DG)(DC)(DA)(DG)
(DC)(DC)(DT)(DT)(DT)(DA)(DC)(DT)(DC)(DT)(DT)(DT)(DC)(DC)(DT)(DT)(DT)(DT)(DT)(DT)
;
B0
116 'polydeoxyribonucleotide'
;(DT)(DT)(DT)(DT)(DG)(DG)(DG)(DT)(DG)(DC)(DC)(DT)(DC)(DC)(DA)(DT)(DC)(DA)(DC)(DC)
(DC)(DA)(DA)(DA)(DT)(DT)(DT)(DT)(DT)(DT)(DT)(DT)(DT)(DT)(DT)(DC)(DA)(DA)(DG)(DT)
(DT)(DT)(DT)(DT)(DT)(DG)(DG)(DG)(DC)(DA)(DA)(DA)(DC)(DT)(DA)(DT)(DT)(DT)(DT)(DT)
;
B1
117 'polydeoxyribonucleotide'
;(DC)(DA)(DC)(DA)(DT)(DT)(DA)(DA)(DT)(DT)(DG)(DC)(DG)(DT)(DT)(DG)(DA)(DA)(DA)(DC)
(DA)(DG)(DG)(DG)(DT)(DA)(DA)(DG)(DA)(DA)(DA)(DC)(DA)(DC)(DC)(DA)(DA)(DG)(DT)(DA)
;
B2
118 'polydeoxyribonucleotide'
;(DC)(DG)(DC)(DT)(DC)(DA)(DC)(DT)(DG)(DC)(DA)(DA)(DA)(DC)(DG)(DT)(DA)(DG)(DG)(DG)
(DA)(DG)(DG)(DG)(DA)(DA)(DG)(DG)(DT)(DA)(DA)(DA)
;
B3
119 'polydeoxyribonucleotide'
;(DG)(DT)(DC)(DG)(DT)(DG)(DC)(DC)(DG)(DA)(DA)(DC)(DA)(DA)(DA)(DG)(DC)(DG)(DG)(DC)
(DT)(DG)(DG)(DT)(DA)(DA)(DT)(DG)(DG)(DG)(DT)(DA)
;
B4
120 'polydeoxyribonucleotide'
;(DT)(DT)(DT)(DT)(DA)(DC)(DC)(DC)(DA)(DA)(DA)(DA)(DC)(DT)(DG)(DA)(DA)(DC)(DA)(DC)
(DC)(DC)(DT)(DG)(DA)(DT)(DT)(DT)(DT)(DT)(DT)(DT)(DT)(DT)(DT)(DA)(DC)(DA)(DA)(DA)
(DG)(DT)(DC)(DA)(DG)(DA)(DG)(DG)(DA)(DA)(DT)(DA)(DA)(DG)(DA)(DG)(DT)(DT)(DT)(DT)
;
B5
121 'polydeoxyribonucleotide'
;(DT)(DT)(DT)(DT)(DT)(DC)(DG)(DG)(DC)(DC)(DA)(DA)(DC)(DG)(DT)(DT)(DC)(DC)(DA)(DG)
(DT)(DA)(DC)(DT)(DC)(DC)(DA)(DA)(DC)(DA)(DA)(DT)(DC)(DG)(DT)(DC)(DT)(DG)(DA)(DA)
(DA)(DT)(DG)(DG)(DA)(DA)(DA)(DA)(DC)(DA)(DT)(DC)(DG)
;
B6
122 'polydeoxyribonucleotide'
;(DA)(DA)(DG)(DT)(DA)(DA)(DG)(DC)(DC)(DA)(DA)(DA)(DA)(DG)(DA)(DA)(DT)(DT)(DG)(DC)
(DA)(DG)(DC)(DA)(DT)(DA)(DA)(DC)(DC)(DT)(DC)(DC)(DG)(DG)(DC)(DT)(DT)(DA)(DG)(DG)
(DC)(DA)(DA)(DA)(DT)(DC)(DC)(DA)
;
B7
123 'polydeoxyribonucleotide'
;(DT)(DT)(DT)(DA)(DA)(DG)(DA)(DA)(DA)(DG)(DG)(DA)(DA)(DA)(DC)(DC)(DG)(DA)(DG)(DG)
(DA)(DA)(DA)(DC)(DG)(DC)(DC)(DC)(DG)(DC)(DT)(DT)
;
B8
124 'polydeoxyribonucleotide'
;(DA)(DA)(DG)(DC)(DC)(DC)(DT)(DT)(DT)(DC)(DG)(DA)(DT)(DA)(DG)(DC)(DA)(DG)(DC)(DA)
(DC)(DC)(DG)(DT)(DG)(DT)(DA)(DG)(DC)(DG)(DC)(DG)(DC)(DC)(DA)(DC)(DG)(DC)(DA)(DA)
(DT)(DT)(DG)(DA)(DT)(DA)(DC)(DC)
;
B9
125 'polydeoxyribonucleotide'
;(DT)(DC)(DT)(DT)(DA)(DC)(DC)(DG)(DT)(DG)(DA)(DT)(DT)(DG)(DC)(DC)(DC)(DC)(DA)(DG)
(DC)(DT)(DT)(DA)(DC)(DG)(DG)(DC)(DT)(DG)(DG)(DA)(DG)(DT)(DG)(DC)(DC)(DA)(DT)(DC)
(DA)(DC)(DG)(DG)(DA)(DA)(DC)(DG)
;
CA
126 'polydeoxyribonucleotide'
;(DT)(DT)(DT)(DT)(DA)(DA)(DT)(DA)(DG)(DC)(DT)(DA)(DG)(DC)(DC)(DC)(DA)(DA)(DT)(DA)
(DA)(DT)(DA)(DA)(DG)(DT)(DT)(DT)(DT)(DT)(DT)(DT)(DT)(DT)(DT)(DA)(DG)(DC)(DA)(DA)
(DG)(DA)(DA)(DA)(DC)(DA)(DA)(DT)(DA)(DA)(DT)(DA)(DC)(DC)(DG)(DA)(DT)(DT)(DT)(DT)
;
CB
127 'polydeoxyribonucleotide'
;(DT)(DT)(DT)(DT)(DT)(DT)(DT)(DG)(DG)(DG)(DC)(DG)(DC)(DT)(DT)(DG)(DC)(DC)(DC)(DC)
(DA)(DG)(DC)(DA)(DG)(DG)(DC)(DG)(DA)(DA)(DT)(DC)(DA)(DA)(DA)(DA)(DT)
;
CC
128 'polydeoxyribonucleotide'
;(DG)(DG)(DT)(DT)(DT)(DA)(DA)(DC)(DT)(DG)(DT)(DT)(DT)(DG)(DG)(DA)(DT)(DT)(DA)(DT)
(DA)(DT)(DT)(DT)(DT)(DT)(DT)(DT)(DT)(DT)(DT)(DC)(DT)(DT)(DC)(DT)(DG)(DA)(DA)(DT)
(DA)(DA)(DT)(DG)(DT)(DC)(DA)(DA)(DT)(DA)(DT)(DA)(DT)(DT)(DT)(DT)(DT)
;
CD
129 'polydeoxyribonucleotide'
;(DA)(DG)(DC)(DG)(DG)(DT)(DC)(DC)(DA)(DC)(DG)(DC)(DT)(DG)(DG)(DT)(DC)(DA)(DG)(DG)
(DG)(DT)(DG)(DG)(DA)(DG)(DA)(DG)(DG)(DC)(DG)(DG)
;
CE
130 'polydeoxyribonucleotide'
;(DT)(DG)(DA)(DG)(DA)(DG)(DA)(DG)(DG)(DA)(DT)(DA)(DA)(DC)(DC)(DC)(DT)(DA)(DA)(DG)
(DA)(DA)(DT)(DA)(DA)(DA)(DC)(DA)(DC)(DC)(DG)(DG)(DA)(DA)(DC)(DT)(DT)(DT)(DT)(DT)
;
CF
131 'polydeoxyribonucleotide'
;(DT)(DG)(DC)(DA)(DC)(DG)(DT)(DA)(DT)(DA)(DA)(DT)(DA)(DC)(DA)(DT)(DT)(DT)(DG)(DA)
(DG)(DG)(DA)(DT)(DT)(DA)(DG)(DA)(DG)(DC)(DC)(DG)
;
CG
132 'polydeoxyribonucleotide'
;(DA)(DA)(DA)(DT)(DC)(DG)(DG)(DC)(DA)(DA)(DA)(DG)(DA)(DA)(DA)(DC)(DC)(DA)(DC)(DC)
(DA)(DG)(DA)(DA)(DA)(DT)(DA)(DG)(DC)(DG)(DA)(DT)(DG)(DT)(DG)(DA)(DA)(DT)(DT)(DT)
(DT)(DA)(DG)(DA)(DA)(DT)(DC)(DC)(DT)(DT)(DT)(DT)(DT)
;
CH
133 'polydeoxyribonucleotide'
;(DA)(DA)(DA)(DA)(DT)(DC)(DC)(DC)(DT)(DT)(DA)(DT)(DA)(DA)(DA)(DT)(DA)(DG)(DA)(DT)
(DA)(DG)(DC)(DC)(DT)(DT)(DT)(DT)(DT)(DC)(DT)(DT)
;
CI
134 'polydeoxyribonucleotide'
;(DT)(DT)(DA)(DC)(DA)(DA)(DA)(DC)(DT)(DT)(DG)(DA)(DG)(DG)(DA)(DA)(DG)(DG)(DT)(DT)
(DA)(DT)(DT)(DT)(DT)(DT)(DT)(DT)(DT)(DT)(DT)(DT)(DC)(DT)(DA)(DA)(DA)(DA)(DT)(DA)
(DT)(DC)(DT)(DT)(DC)(DA)(DA)(DC)(DA)(DG)(DT)(DT)(DT)(DT)(DT)(DT)(DT)
;
CJ
135 'polydeoxyribonucleotide'
;(DA)(DT)(DT)(DA)(DG)(DA)(DC)(DT)(DA)(DG)(DA)(DA)(DC)(DC)(DT)(DA)(DC)(DC)(DA)(DT)
(DA)(DT)(DC)(DA)(DA)(DT)(DT)(DG)(DC)(DG)(DT)(DA)
;
CK
136 'polydeoxyribonucleotide'
;(DA)(DT)(DC)(DA)(DG)(DA)(DG)(DA)(DA)(DA)(DG)(DC)(DG)(DC)(DA)(DT)(DA)(DC)(DG)(DC)
(DT)(DC)(DA)(DT)(DG)(DG)(DA)(DA)(DA)(DT)(DA)(DC)(DA)(DA)(DT)(DC)(DG)(DC)(DC)(DA)
;
CL
137 'polydeoxyribonucleotide'
;(DT)(DA)(DG)(DA)(DC)(DG)(DG)(DG)(DA)(DG)(DA)(DA)(DT)(DT)(DA)(DA)(DG)(DA)(DA)(DC)
(DT)(DG)(DG)(DC)(DG)(DC)(DA)(DA)(DT)(DA)(DA)(DT)
;
CM
138 'polydeoxyribonucleotide'
;(DT)(DA)(DA)(DA)(DA)(DG)(DG)(DG)(DT)(DA)(DG)(DG)(DA)(DG)(DC)(DA)(DC)(DT)(DA)(DA)
(DC)(DA)(DA)(DC)(DT)(DA)(DA)(DT)(DA)(DG)(DA)(DT)(DT)(DT)(DA)(DG)(DA)(DA)(DG)(DT)
(DT)(DT)(DA)(DA)(DA)(DT)(DC)(DC)(DT)(DG)(DA)(DT)(DT)(DA)(DT)(DC)
;
CN
139 'polydeoxyribonucleotide'
;(DA)(DT)(DT)(DC)(DA)(DC)(DC)(DA)(DG)(DT)(DC)(DA)(DC)(DA)(DC)(DG)(DA)(DG)(DA)(DT)
(DA)(DG)(DA)(DA)(DC)(DA)(DC)(DC)(DG)(DC)(DC)(DT)(DT)(DG)(DA)(DA)(DA)(DA)(DA)(DT)
(DC)(DT)(DG)(DA)(DG)(DC)(DA)(DA)
;
CO
140 'polydeoxyribonucleotide'
;(DC)(DT)(DA)(DC)(DA)(DT)(DT)(DT)(DT)(DT)(DA)(DC)(DT)(DA)(DG)(DA)(DG)(DA)(DT)(DA)
(DG)(DG)(DG)(DT)(DT)(DG)(DA)(DG)(DT)(DG)(DT)(DT)(DG)(DC)(DG)(DC)(DG)(DG)(DG)(DG)
(DA)(DG)(DC)(DT)(DG)(DC)(DA)(DT)
;
CP
141 'polydeoxyribonucleotide'
;(DT)(DT)(DT)(DT)(DT)(DA)(DA)(DT)(DA)(DT)(DA)(DA)(DA)(DT)(DT)(DA)(DG)(DG)(DC)(DA)
(DG)(DA)(DG)(DG)(DC)(DA)(DT)(DT)(DT)(DT)(DT)(DT)(DT)(DT)(DT)(DT)(DT)(DT)(DT)(DT)
(DC)(DG)(DA)(DG)(DC)(DC)(DA)(DG)(DT)(DA)(DA)(DT)(DT)(DC)(DT)(DT)(DA)
;
CQ
142 'polydeoxyribonucleotide'
;(DT)(DT)(DT)(DT)(DG)(DA)(DA)(DA)(DG)(DG)(DA)(DA)(DA)(DA)(DT)(DC)(DA)(DA)(DT)(DA)
(DT)(DC)(DT)(DG)(DG)(DT)(DT)(DT)(DT)(DT)(DT)(DT)(DT)(DT)(DT)(DT)(DC)(DA)(DG)(DT)
(DT)(DG)(DG)(DC)(DA)(DA)(DA)(DT)(DC)(DA)(DA)(DA)(DT)(DA)(DT)(DC)(DT)(DT)(DT)(DT)
;
CR
143 'polydeoxyribonucleotide'
;(DT)(DT)(DT)(DG)(DC)(DC)(DC)(DG)(DA)(DG)(DT)(DA)(DT)(DT)(DA)(DA)(DC)(DC)(DC)(DT)
(DT)(DC)(DT)(DG)(DA)(DT)(DA)(DT)(DT)(DT)(DT)(DT)(DC)(DT)(DA)(DA)(DA)(DG)(DC)(DA)
(DT)(DC)(DA)(DC)(DC)(DT)(DT)(DG)
;
CS
144 'polydeoxyribonucleotide'
;(DA)(DA)(DC)(DG)(DT)(DT)(DA)(DT)(DA)(DT)(DT)(DG)(DG)(DC)(DA)(DG)(DT)(DC)(DA)(DA)
(DT)(DA)(DG)(DA)(DC)(DT)(DA)(DT)(DT)(DA)(DA)(DA)(DG)(DA)(DA)(DC)(DG)(DT)(DG)(DG)
(DT)(DT)(DG)(DG)(DA)(DA)(DC)(DA)(DA)(DA)(DA)(DG)(DT)(DT)(DT)(DG)
;
CT
145 'polydeoxyribonucleotide'
;(DA)(DG)(DT)(DA)(DA)(DC)(DA)(DT)(DC)(DC)(DA)(DG)(DC)(DA)(DG)(DA)(DA)(DG)(DA)(DT)
(DA)(DA)(DA)(DA)(DC)(DG)(DA)(DA)(DC)(DT)(DG)(DA)(DT)(DT)(DT)(DT)(DT)
;
CU
146 'polydeoxyribonucleotide'
;(DT)(DA)(DT)(DC)(DA)(DT)(DT)(DT)(DT)(DG)(DA)(DC)(DG)(DC)(DT)(DC)(DG)(DT)(DC)(DA)
(DA)(DA)(DG)(DG)(DG)(DC)(DG)(DA)(DA)(DA)(DA)(DA)
;
CV
147 'polydeoxyribonucleotide'
;(DA)(DA)(DA)(DA)(DG)(DC)(DC)(DT)(DG)(DT)(DT)(DT)(DA)(DG)(DT)(DA)(DA)(DA)(DG)(DC)
(DC)(DA)(DA)(DC)(DT)(DA)(DT)(DT)(DT)(DA)(DA)(DC)
;
CW
148 'polydeoxyribonucleotide'
;(DT)(DT)(DT)(DT)(DT)(DC)(DC)(DG)(DT)(DG)(DT)(DG)(DA)(DC)(DT)(DT)(DC)(DT)(DG)(DA)
(DC)(DC)(DT)(DA)(DA)(DA)(DT)(DT)(DT)(DT)(DT)(DT)(DT)(DT)(DT)(DT)(DT)(DT)(DT)(DA)
(DA)(DT)(DG)(DG)(DT)(DT)(DT)(DG)(DA)(DT)(DA)(DT)(DG)(DT)(DA)(DA)(DA)
;
CX
149 'polydeoxyribonucleotide'
;(DT)(DT)(DT)(DT)(DA)(DT)(DC)(DC)(DT)(DG)(DA)(DT)(DA)(DA)(DA)(DT)(DT)(DA)(DA)(DT)
(DT)(DA)(DC)(DA)(DT)(DT)(DT)(DT)(DT)(DT)(DT)(DT)(DT)(DT)(DT)(DT)(DT)(DA)(DA)(DC)
(DA)(DA)(DT)(DT)(DT)(DC)(DA)(DT)(DA)(DA)(DA)(DC)(DA)(DT)(DC)(DA)(DT)(DT)(DT)(DT)
;
CY
150 'polydeoxyribonucleotide'
;(DG)(DT)(DA)(DA)(DC)(DA)(DG)(DT)(DA)(DC)(DC)(DT)(DT)(DT)(DT)(DA)(DT)(DG)(DC)(DT)
(DT)(DT)(DG)(DA)(DC)(DA)(DG)(DT)(DA)(DC)(DA)(DT)(DC)(DT)(DG)(DT)(DA)(DA)(DA)(DT)
(DG)(DA)(DA)(DT)(DG)(DG)(DC)(DT)
;
CZ
151 'polydeoxyribonucleotide'
;(DG)(DA)(DA)(DA)(DC)(DA)(DA)(DT)(DA)(DA)(DA)(DT)(DC)(DC)(DT)(DG)(DA)(DA)(DA)(DC)
(DA)(DG)(DA)(DA)(DA)(DT)(DA)(DA)(DA)(DG)(DA)(DA)(DA)(DA)(DA)(DT)(DT)(DA)(DT)(DT)
(DC)(DA)(DT)(DA)(DT)(DT)(DC)(DC)
;
Ca
152 'polydeoxyribonucleotide'
;(DC)(DA)(DT)(DA)(DG)(DG)(DT)(DC)(DA)(DG)(DT)(DC)(DA)(DA)(DT)(DA)(DA)(DG)(DC)(DT)
(DT)(DA)(DG)(DA)(DT)(DT)(DA)(DA)(DG)(DA)(DC)(DG)(DA)(DC)(DG)(DA)(DA)(DC)(DC)(DA)
;
Cb
153 'polydeoxyribonucleotide'
;(DT)(DC)(DG)(DC)(DG)(DC)(DA)(DG)(DG)(DT)(DC)(DA)(DG)(DA)(DT)(DG)(DA)(DA)(DT)(DA)
(DT)(DA)(DC)(DA)(DG)(DA)(DT)(DT)(DT)(DT)(DC)(DA)
;
Cc
154 'polydeoxyribonucleotide'
;(DA)(DT)(DC)(DG)(DC)(DA)(DA)(DG)(DA)(DC)(DA)(DA)(DA)(DG)(DA)(DA)(DC)(DT)(DG)(DA)
(DG)(DA)(DA)(DG)(DT)(DG)(DA)(DG)(DA)(DG)(DA)(DC)(DT)(DG)(DC)(DG)(DG)(DA)(DA)(DC)
;
Cd
155 'polydeoxyribonucleotide'
;(DT)(DG)(DC)(DT)(DG)(DA)(DT)(DG)(DT)(DT)(DG)(DG)(DG)(DT)(DT)(DA)(DG)(DC)(DG)(DT)
(DT)(DA)(DA)(DA)(DA)(DC)(DA)(DA)(DG)(DA)(DA)(DT)(DT)(DG)(DA)(DG)(DT)(DT)(DA)(DA)
;
Ce
156 'polydeoxyribonucleotide'
;(DC)(DC)(DT)(DT)(DT)(DT)(DT)(DT)(DA)(DG)(DA)(DT)(DG)(DA)(DT)(DG)(DG)(DC)(DA)(DA)
(DT)(DT)(DC)(DA)(DG)(DA)(DA)(DG)(DG)(DG)(DT)(DT)
;
Cf
157 'polydeoxyribonucleotide'
;(DA)(DA)(DT)(DG)(DG)(DA)(DA)(DA)(DA)(DT)(DA)(DC)(DC)(DA)(DA)(DG)(DT)(DC)(DA)(DA)
(DT)(DT)(DA)(DC)(DC)(DG)(DT)(DC)(DG)(DC)(DT)(DA)(DT)(DT)(DA)(DA)(DT)(DT)(DA)(DA)
;
Cg
158 'polydeoxyribonucleotide'
;(DC)(DA)(DA)(DA)(DT)(DA)(DT)(DA)(DT)(DT)(DT)(DT)(DA)(DG)(DT)(DT)(DC)(DC)(DA)(DG)
(DT)(DA)(DT)(DA)(DT)(DC)(DA)(DT)(DA)(DT)(DG)(DC)(DC)(DA)(DG)(DG)(DA)(DA)(DA)(DA)
;
Ch
159 'polydeoxyribonucleotide'
;(DA)(DA)(DT)(DT)(DT)(DC)(DA)(DT)(DT)(DA)(DA)(DA)(DT)(DA)(DA)(DG)(DT)(DA)(DT)(DA)
(DA)(DC)(DT)(DA)(DC)(DT)(DT)(DC)(DA)(DC)(DC)(DG)(DC)(DC)(DT)(DG)(DG)(DC)(DC)(DC)
(DG)(DC)(DA)(DA)(DC)(DA)(DG)(DC)
;
Ci
160 'polydeoxyribonucleotide'
;(DG)(DC)(DT)(DC)(DA)(DA)(DC)(DA)(DG)(DT)(DA)(DG)(DG)(DG)(DC)(DT)(DC)(DG)(DC)(DG)
(DA)(DG)(DA)(DA)(DA)(DA)(DT)(DC)(DA)(DT)(DA)(DA)(DT)(DA)(DC)(DC)(DT)(DT)(DT)(DT)
;
Cj
161 'polydeoxyribonucleotide'
;(DG)(DC)(DG)(DT)(DA)(DA)(DG)(DA)(DT)(DT)(DA)(DT)(DT)(DT)(DA)(DC)(DT)(DA)(DA)(DT)
(DT)(DT)(DT)(DA)(DA)(DG)(DA)(DG)(DT)(DC)(DC)(DA)(DT)(DT)(DT)(DG)(DA)(DT)(DG)(DG)
(DT)(DG)(DG)(DT)(DT)(DC)(DC)(DG)
;
Ck
162 'polydeoxyribonucleotide'
;(DC)(DC)(DA)(DT)(DT)(DA)(DA)(DA)(DA)(DA)(DT)(DA)(DC)(DC)(DG)(DA)(DA)(DG)(DC)(DT)
(DA)(DA)(DT)(DG)(DC)(DT)(DG)(DG)(DT)(DA)(DA)(DT)(DG)(DA)(DA)(DG)(DA)(DA)(DC)(DT)
;
Cl
163 'polydeoxyribonucleotide'
;(DA)(DA)(DC)(DG)(DC)(DC)(DA)(DA)(DC)(DT)(DG)(DT)(DC)(DC)(DA)(DG)(DC)(DA)(DT)(DT)
(DG)(DC)(DA)(DA)(DG)(DG)(DT)(DA)(DT)(DT)(DA)(DA)(DG)(DA)(DT)(DT)(DT)(DT)(DT)(DT)
(DG)(DT)(DT)(DT)(DA)(DA)(DC)(DG)
;
Cm
164 'polydeoxyribonucleotide'
;(DC)(DA)(DT)(DG)(DT)(DA)(DA)(DT)(DG)(DT)(DA)(DC)(DC)(DG)(DA)(DC)(DG)(DT)(DT)(DA)
(DT)(DA)(DC)(DA)(DG)(DT)(DA)(DA)(DT)(DT)(DG)(DA)(DG)(DC)(DG)(DC)(DT)(DA)(DA)(DT)
;
Cn
165 'polydeoxyribonucleotide'
;(DC)(DT)(DG)(DA)(DA)(DC)(DC)(DT)(DA)(DC)(DA)(DT)(DT)(DC)(DT)(DG)(DG)(DC)(DC)(DA)
(DA)(DC)(DA)(DG)(DA)(DC)(DC)(DA)(DG)(DT)(DA)(DA)(DA)(DA)(DC)(DT)(DC)(DG)(DT)(DA)
;
Co
166 'polydeoxyribonucleotide'
;(DT)(DT)(DT)(DT)(DT)(DT)(DA)(DG)(DC)(DC)(DC)(DT)(DA)(DA)(DT)(DA)(DC)(DG)(DT)(DG)
(DG)(DC)(DA)(DC)(DA)(DG)(DA)(DC)(DA)(DA)(DC)(DC)(DT)(DG)(DA)(DA)(DA)
;
Cp
167 'polydeoxyribonucleotide'
;(DT)(DT)(DT)(DT)(DT)(DA)(DA)(DA)(DC)(DC)(DC)(DT)(DC)(DG)(DA)(DG)(DA)(DG)(DC)(DC)
(DA)(DG)(DC)(DA)(DG)(DC)(DA)(DA)(DA)(DG)(DC)(DA)(DA)(DC)(DA)(DG)(DT)
;
Cq
168 'polydeoxyribonucleotide'
;(DA)(DT)(DT)(DA)(DG)(DT)(DC)(DT)(DT)(DT)(DA)(DA)(DT)(DG)(DC)(DG)(DC)(DA)(DG)(DA)
(DG)(DG)(DT)(DG)(DA)(DT)(DA)(DT)(DG)(DT)(DG)(DA)(DG)(DG)(DA)(DG)(DC)(DG)(DG)(DA)
;
Cr
169 'polydeoxyribonucleotide'
;(DA)(DA)(DG)(DA)(DA)(DG)(DA)(DT)(DG)(DA)(DT)(DG)(DA)(DA)(DA)(DC)(DT)(DT)(DG)(DA)
(DA)(DT)(DT)(DA)(DG)(DC)(DC)(DA)(DC)(DG)(DC)(DT)(DA)(DA)(DT)(DT)(DC)(DG)(DA)(DC)
;
Cs
170 'polydeoxyribonucleotide'
;(DT)(DT)(DT)(DT)(DT)(DT)(DT)(DG)(DA)(DA)(DA)(DA)(DC)(DG)(DT)(DG)(DA)(DA)(DT)(DA)
(DA)(DC)(DC)(DT)(DT)(DG)(DC)(DT)(DT)(DA)(DA)(DA)(DT)(DC)(DA)(DA)(DT)(DA)(DG)(DG)
(DC)(DG)(DG)(DT)(DC)
;
Ct
171 'polydeoxyribonucleotide'
;(DT)(DT)(DT)(DT)(DT)(DA)(DG)(DA)(DA)(DA)(DA)(DC)(DA)(DA)(DG)(DG)(DC)(DG)(DA)(DA)
(DT)(DT)(DA)(DT)(DT)(DC)(DA)(DT)(DT)(DT)(DT)(DA)(DC)(DA)(DA)(DA)(DA)
;
Cu
172 'polydeoxyribonucleotide'
;(DT)(DT)(DT)(DT)(DC)(DC)(DC)(DT)(DA)(DA)(DC)(DG)(DG)(DA)(DT)(DT)(DC)(DG)(DC)(DC)
(DT)(DG)(DA)(DT)(DC)(DA)(DT)(DC)(DG)(DG)(DG)(DA)(DA)(DT)(DT)(DA)(DT)(DC)(DA)(DT)
;
Cv
173 'polydeoxyribonucleotide'
;(DG)(DT)(DC)(DG)(DA)(DG)(DG)(DT)(DG)(DC)(DC)(DG)(DT)(DA)(DA)(DA)(DA)(DA)(DG)(DG)
(DT)(DG)(DG)(DC)(DA)(DG)(DC)(DT)(DA)(DA)(DC)(DT)(DT)(DG)(DC)(DA)(DG)(DC)(DC)(DA)
;
Cw
174 'polydeoxyribonucleotide'
;(DG)(DC)(DA)(DC)(DT)(DA)(DA)(DA)(DC)(DA)(DG)(DG)(DG)(DC)(DG)(DA)(DC)(DA)(DA)(DT)
(DA)(DT)(DT)(DA)(DC)(DC)(DG)(DC)(DC)(DA)(DG)(DC)
;
Cx
175 'polydeoxyribonucleotide'
;(DC)(DT)(DA)(DA)(DA)(DG)(DG)(DG)(DA)(DG)(DC)(DC)(DC)(DC)(DC)(DG)(DC)(DG)(DG)(DA)
(DA)(DG)(DC)(DA)(DC)(DA)(DC)(DA)(DA)(DT)(DT)(DC)
;
Cy
176 'polydeoxyribonucleotide'
;(DT)(DA)(DT)(DG)(DG)(DT)(DT)(DG)(DC)(DT)(DT)(DT)(DG)(DA)(DC)(DG)(DA)(DG)(DA)(DG)
(DC)(DG)(DG)(DG)(DG)(DA)(DC)(DA)(DG)(DG)(DA)(DA)
;
Cz
177 'polydeoxyribonucleotide'
;(DT)(DT)(DT)(DT)(DT)(DC)(DC)(DA)(DG)(DA)(DG)(DC)(DC)(DA)(DT)(DC)(DC)(DT)(DG)(DA)
(DA)(DT)(DC)(DT)(DT)(DA)(DT)(DT)(DT)(DT)(DT)(DT)(DT)(DT)(DT)(DT)(DC)(DC)(DA)(DA)
(DC)(DG)(DC)(DT)(DA)(DA)(DC)(DG)(DA)(DG)(DC)(DG)(DC)(DC)(DC)(DA)(DA)
;
C0
178 'polydeoxyribonucleotide'
;(DT)(DT)(DT)(DT)(DT)(DG)(DT)(DA)(DA)(DA)(DA)(DG)(DA)(DT)(DG)(DA)(DG)(DA)(DA)(DG)
(DT)(DG)(DT)(DT)(DT)(DT)(DT)(DT)(DT)(DT)(DT)(DT)(DT)(DT)(DT)(DT)(DT)(DA)(DT)(DA)
(DA)(DT)(DC)(DA)(DG)(DT)(DG)(DA)(DG)(DT)(DT)(DT)(DC)(DC)(DT)(DC)(DG)
;
C1
179 'polydeoxyribonucleotide'
;(DG)(DT)(DA)(DA)(DT)(DA)(DA)(DC)(DA)(DT)(DC)(DA)(DC)(DT)(DT)(DG)(DA)(DA)(DG)(DA)
(DA)(DC)(DG)(DC)(DA)(DG)(DG)(DT)(DT)(DT)(DT)(DG)
;
C2
180 'polydeoxyribonucleotide'
;(DC)(DC)(DT)(DG)(DA)(DG)(DT)(DA)(DC)(DA)(DC)(DA)(DC)(DC)(DC)(DG)(DC)(DG)(DA)(DA)
(DC)(DG)(DT)(DG)(DG)(DC)(DG)(DA)(DG)(DA)(DA)(DA)(DT)(DA)(DT)(DC)(DC)(DG)(DC)(DT)
(DA)(DA)(DC)(DA)(DT)(DA)(DT)(DA)
;
C3
181 'polydeoxyribonucleotide'
;(DC)(DC)(DG)(DT)(DT)(DT)(DT)(DT)(DC)(DC)(DG)(DC)(DA)(DC)(DT)(DC)(DG)(DA)(DA)(DA)
(DA)(DA)(DT)(DA)(DA)(DA)(DT)(DA)(DA)(DA)(DC)(DA)(DA)(DC)(DA)(DT)(DG)(DT)(DT)(DC)
(DT)(DA)(DA)(DT)(DT)(DG)(DA)(DG)
;
C4
182 'polydeoxyribonucleotide'
;(DA)(DT)(DT)(DT)(DT)(DC)(DA)(DT)(DA)(DA)(DA)(DT)(DC)(DA)(DG)(DA)(DT)(DA)(DT)(DT)
(DT)(DT)(DG)(DC)(DA)(DC)(DC)(DC)(DA)(DG)(DC)(DT)(DA)(DC)(DA)(DA)(DT)(DT)(DT)(DT)
(DG)(DG)(DG)(DC)(DG)(DC)(DT)(DG)
;
C5
183 'polydeoxyribonucleotide'
;(DC)(DG)(DT)(DA)(DG)(DG)(DA)(DA)(DG)(DC)(DA)(DA)(DG)(DT)(DG)(DT)(DA)(DA)(DA)(DG)
(DG)(DA)(DG)(DC)(DG)(DG)(DG)(DC)(DG)(DC)(DT)(DA)(DC)(DA)(DT)(DG)(DG)(DT)(DC)(DA)
(DA)(DT)(DA)(DA)(DG)(DT)(DT)(DT)
;
C6
184 'polydeoxyribonucleotide'
;(DT)(DC)(DA)(DT)(DT)(DA)(DC)(DC)(DC)(DC)(DA)(DT)(DA)(DT)(DT)(DA)(DT)(DT)(DT)(DA)
(DT)(DC)(DC)(DC)(DA)(DC)(DC)(DA)(DC)(DG)(DG)(DA)(DT)(DA)(DG)(DC)(DT)(DG)(DT)(DT)
;
C7
185 'polydeoxyribonucleotide'
;(DA)(DT)(DC)(DG)(DA)(DG)(DA)(DA)(DA)(DT)(DC)(DC)(DA)(DG)(DA)(DA)(DT)(DG)(DG)(DC)
(DC)(DC)(DA)(DC)(DT)(DA)(DC)(DG)(DT)(DG)(DA)(DA)(DA)(DA)(DT)(DG)(DA)(DG)(DT)(DG)
(DT)(DA)(DA)(DA)(DG)(DT)(DG)(DT)
;
C8
186 'polydeoxyribonucleotide'
;(DT)(DT)(DT)(DT)(DT)(DT)(DA)(DT)(DC)(DA)(DT)(DT)(DC)(DT)(DG)(DT)(DA)(DG)(DA)(DA)
(DA)(DC)(DC)(DA)(DA)(DT)(DT)(DT)(DT)(DT)(DT)(DT)(DT)(DT)(DT)(DT)(DC)(DA)(DA)(DT)
(DA)(DA)(DT)(DC)(DG)(DG)(DC)(DT)(DG)(DA)(DA)(DG)(DT)(DA)(DA)(DT)(DT)
;
C9
187 'polydeoxyribonucleotide'
;(DT)(DT)(DT)(DT)(DT)(DC)(DG)(DG)(DC)(DC)(DT)(DT)(DG)(DC)(DA)(DG)(DA)(DA)(DC)(DG)
(DC)(DC)(DA)(DA)(DC)(DA)(DA)(DT)(DA)(DG)(DA)(DT)(DA)(DA)(DG)(DT)(DC)(DG)(DG)(DT)
(DA)(DT)(DT)(DC)(DT)
;
DA
188 'polydeoxyribonucleotide'
;(DA)(DC)(DG)(DA)(DC)(DG)(DA)(DC)(DA)(DT)(DA)(DT)(DC)(DC)(DC)(DA)(DT)(DC)(DC)(DT)
(DA)(DA)(DT)(DT)(DT)(DA)(DG)(DC)(DA)(DA)(DG)(DC)
;
DB
189 'polydeoxyribonucleotide'
;(DT)(DA)(DC)(DG)(DA)(DG)(DC)(DA)(DC)(DA)(DA)(DG)(DA)(DA)(DC)(DG)(DA)(DA)(DA)(DA)
(DG)(DG)(DT)(DA)(DA)(DG)(DA)(DG)(DA)(DG)(DA)(DA)(DT)(DA)(DA)(DC)(DA)(DT)(DA)(DA)
;
DC
190 'polydeoxyribonucleotide'
;(DC)(DG)(DG)(DT)(DA)(DC)(DG)(DC)(DC)(DA)(DG)(DA)(DA)(DT)(DC)(DC)(DG)(DT)(DC)(DT)
(DG)(DT)(DC)(DC)(DT)(DA)(DA)(DC)(DG)(DT)(DG)(DC)(DG)(DC)(DC)(DA)(DC)(DC)(DG)(DA)
(DT)(DT)(DT)(DT)(DT)
;
DD
191 'polydeoxyribonucleotide'
;(DT)(DT)(DA)(DG)(DA)(DA)(DT)(DC)(DA)(DG)(DC)(DA)(DC)(DG)(DT)(DA)(DA)(DT)(DC)(DA)
(DC)(DG)(DC)(DA)(DA)(DA)(DT)(DT)(DA)(DA)(DC)(DC)(DG)(DT)(DT)(DG)(DT)(DA)(DG)(DC)
(DG)(DG)(DA)(DT)(DT)(DT)(DT)(DA)
;
DE
192 'polydeoxyribonucleotide'
;(DA)(DG)(DC)(DT)(DA)(DA)(DA)(DC)(DA)(DG)(DG)(DA)(DG)(DG)(DC)(DC)(DC)(DC)(DT)(DC)
(DC)(DC)(DG)(DA)(DG)(DC)(DT)(DA)(DC)(DA)(DG)(DG)(DT)(DT)(DT)(DG)(DA)(DT)(DT)(DA)
;
DF
193 'polydeoxyribonucleotide'
;(DC)(DT)(DT)(DG)(DC)(DG)(DG)(DG)(DG)(DA)(DG)(DG)(DC)(DG)(DT)(DT)(DT)(DT)(DA)(DG)
(DC)(DG)(DA)(DA)(DG)(DA)(DT)(DT)(DA)(DA)(DA)(DG)(DA)(DA)(DT)(DA)(DC)(DT)(DT)(DC)
(DG)(DC)(DG)(DC)(DG)(DT)(DA)(DC)
;
DG
194 'polydeoxyribonucleotide'
;(DA)(DA)(DG)(DC)(DC)(DT)(DT)(DA)(DA)(DA)(DT)(DC)(DA)(DA)(DG)(DA)(DG)(DT)(DA)(DA)
(DC)(DC)(DA)(DC)(DC)(DA)(DA)(DG)(DC)(DA)(DA)(DG)
;
DH
195 'polydeoxyribonucleotide'
;(DT)(DT)(DA)(DG)(DT)(DT)(DG)(DC)(DT)(DA)(DT)(DA)(DG)(DA)(DA)(DG)(DG)(DC)(DT)(DT)
(DA)(DT)(DC)(DC)(DC)(DT)(DG)(DA)(DA)(DC)(DA)(DA)
;
DI
#